data_5F5O
#
_entry.id   5F5O
#
_cell.length_a   98.396
_cell.length_b   98.396
_cell.length_c   95.730
_cell.angle_alpha   90.00
_cell.angle_beta   90.00
_cell.angle_gamma   120.00
#
_symmetry.space_group_name_H-M   'P 32'
#
loop_
_entity.id
_entity.type
_entity.pdbx_description
1 polymer Nucleoprotein
2 polymer 'Peptide from Polymerase cofactor VP35'
3 non-polymer 'SULFATE ION'
4 water water
#
loop_
_entity_poly.entity_id
_entity_poly.type
_entity_poly.pdbx_seq_one_letter_code
_entity_poly.pdbx_strand_id
1 'polypeptide(L)'
;MGSSHHHHHHSSGLVPRGSHMRNKKVILFDTNHQVSICNQIIDAINSGIDLGDLLEGGLLTLCVEHYYNSDKDKFNTSPI
AKYLRDAGYEFDVIKNADATRFLDVIPNEPHYSPLILALKTLESTESQRGRIGLFLSFCSLFLPKLVVGDRASIEKALRQ
VTVHQEQGIVTYPNHWLTTGHMKVIFGILRSSFILKFVLIHQGVNLVTGHDAYDSIISNSVGQTRFSGLLIVKTVLEFIL
QKTDSGVTLHPLVRTSKVKNEVASFKQALSNLARHGEYAPFARVLNLSGINNLEHGLYPQLSAIALGVATAHGSTLAGVN
VGEQYQQLREAAHDAEVKLQRRHEHQEIQAIAEDDEERKILEQFHLQKTEITH
;
A,C,E
2 'polypeptide(L)' MWDSSYMQQVSEGLMTGKVPIDQVFGANP B,D,F
#
loop_
_chem_comp.id
_chem_comp.type
_chem_comp.name
_chem_comp.formula
SO4 non-polymer 'SULFATE ION' 'O4 S -2'
#
# COMPACT_ATOMS: atom_id res chain seq x y z
N LYS A 24 -35.90 15.17 17.32
CA LYS A 24 -34.57 14.52 17.01
C LYS A 24 -33.47 15.10 17.90
N LYS A 25 -33.66 14.98 19.22
CA LYS A 25 -32.73 15.57 20.19
C LYS A 25 -31.68 14.55 20.57
N VAL A 26 -30.43 14.95 20.60
CA VAL A 26 -29.33 14.01 20.79
C VAL A 26 -28.51 14.53 21.91
N ILE A 27 -28.40 13.77 23.00
CA ILE A 27 -27.70 14.25 24.20
C ILE A 27 -26.21 13.92 24.08
N LEU A 28 -25.35 14.93 24.05
CA LEU A 28 -23.92 14.72 24.32
C LEU A 28 -23.67 14.80 25.83
N PHE A 29 -22.61 14.13 26.27
CA PHE A 29 -22.24 14.08 27.68
C PHE A 29 -20.93 14.90 27.79
N ASP A 30 -20.85 15.82 28.75
CA ASP A 30 -19.66 16.73 28.91
C ASP A 30 -19.11 16.72 30.34
N THR A 31 -17.95 16.08 30.49
CA THR A 31 -17.26 15.85 31.76
C THR A 31 -15.79 16.23 31.55
N ASN A 32 -14.98 16.27 32.61
CA ASN A 32 -13.52 16.47 32.45
C ASN A 32 -12.80 15.13 32.36
N HIS A 33 -13.53 14.01 32.49
CA HIS A 33 -12.95 12.66 32.33
C HIS A 33 -13.60 11.88 31.21
N GLN A 34 -13.95 12.60 30.16
CA GLN A 34 -14.46 12.04 28.94
C GLN A 34 -13.87 10.69 28.54
N VAL A 35 -12.56 10.48 28.59
CA VAL A 35 -12.01 9.17 28.12
C VAL A 35 -12.57 8.03 28.97
N SER A 36 -12.49 8.15 30.29
CA SER A 36 -13.23 7.24 31.18
C SER A 36 -14.72 7.02 30.79
N ILE A 37 -15.49 8.09 30.77
CA ILE A 37 -16.90 8.02 30.41
C ILE A 37 -17.09 7.29 29.10
N CYS A 38 -16.22 7.57 28.13
CA CYS A 38 -16.43 7.06 26.81
C CYS A 38 -16.26 5.55 26.80
N ASN A 39 -15.10 5.12 27.28
CA ASN A 39 -14.76 3.68 27.26
C ASN A 39 -15.72 2.84 28.02
N GLN A 40 -16.40 3.42 28.98
CA GLN A 40 -17.49 2.78 29.67
C GLN A 40 -18.78 2.66 28.81
N ILE A 41 -19.13 3.67 28.01
CA ILE A 41 -20.16 3.54 26.97
C ILE A 41 -19.79 2.40 26.02
N ILE A 42 -18.52 2.30 25.61
CA ILE A 42 -18.14 1.18 24.75
C ILE A 42 -18.30 -0.17 25.46
N ASP A 43 -18.00 -0.24 26.76
CA ASP A 43 -18.13 -1.47 27.52
C ASP A 43 -19.57 -1.95 27.52
N ALA A 44 -20.46 -0.99 27.74
CA ALA A 44 -21.87 -1.17 27.78
C ALA A 44 -22.45 -1.63 26.45
N ILE A 45 -21.91 -1.11 25.33
CA ILE A 45 -22.34 -1.52 24.00
C ILE A 45 -21.88 -2.90 23.69
N ASN A 46 -20.61 -3.16 23.99
CA ASN A 46 -20.06 -4.51 23.93
C ASN A 46 -20.71 -5.54 24.84
N SER A 47 -21.20 -5.14 26.01
CA SER A 47 -21.99 -6.02 26.88
C SER A 47 -23.45 -6.31 26.45
N GLY A 48 -23.93 -5.63 25.40
CA GLY A 48 -25.23 -5.90 24.80
C GLY A 48 -26.29 -5.17 25.59
N ILE A 49 -25.84 -4.21 26.41
CA ILE A 49 -26.75 -3.42 27.17
C ILE A 49 -27.44 -2.50 26.17
N ASP A 50 -28.77 -2.35 26.33
CA ASP A 50 -29.56 -1.46 25.46
C ASP A 50 -29.63 -0.06 26.08
N LEU A 51 -29.04 0.93 25.39
CA LEU A 51 -28.94 2.31 25.92
C LEU A 51 -30.21 3.10 25.64
N GLY A 52 -31.16 2.49 24.93
CA GLY A 52 -32.42 3.12 24.58
C GLY A 52 -32.19 4.44 23.85
N ASP A 53 -32.91 5.49 24.26
CA ASP A 53 -32.78 6.74 23.55
C ASP A 53 -31.42 7.45 23.74
N LEU A 54 -30.64 6.99 24.69
CA LEU A 54 -29.32 7.55 24.90
C LEU A 54 -28.26 6.95 24.03
N LEU A 55 -28.61 5.90 23.28
CA LEU A 55 -27.73 5.28 22.32
C LEU A 55 -27.00 6.25 21.39
N GLU A 56 -27.76 6.98 20.56
CA GLU A 56 -27.21 7.88 19.56
C GLU A 56 -26.32 9.01 20.13
N GLY A 57 -26.76 9.66 21.17
CA GLY A 57 -25.93 10.58 21.92
C GLY A 57 -24.80 9.99 22.74
N GLY A 58 -24.87 8.68 23.04
CA GLY A 58 -23.73 7.92 23.50
C GLY A 58 -22.69 7.78 22.43
N LEU A 59 -23.14 7.30 21.26
CA LEU A 59 -22.28 7.09 20.12
C LEU A 59 -21.72 8.38 19.52
N LEU A 60 -22.47 9.51 19.64
CA LEU A 60 -21.97 10.76 19.15
C LEU A 60 -20.88 11.16 20.10
N THR A 61 -21.17 11.15 21.40
CA THR A 61 -20.20 11.46 22.48
C THR A 61 -18.88 10.76 22.29
N LEU A 62 -18.91 9.44 21.99
CA LEU A 62 -17.70 8.76 21.53
C LEU A 62 -16.99 9.57 20.50
N CYS A 63 -17.71 9.77 19.39
CA CYS A 63 -17.19 10.32 18.14
C CYS A 63 -16.57 11.70 18.25
N VAL A 64 -17.04 12.49 19.16
CA VAL A 64 -16.54 13.79 19.40
C VAL A 64 -15.11 13.68 20.01
N GLU A 65 -14.67 12.44 20.35
CA GLU A 65 -13.32 12.17 20.86
C GLU A 65 -12.40 11.63 19.79
N HIS A 66 -12.78 10.58 19.10
CA HIS A 66 -11.90 10.05 18.09
C HIS A 66 -11.58 11.15 17.11
N TYR A 67 -12.47 12.14 17.01
CA TYR A 67 -12.18 13.33 16.24
C TYR A 67 -11.98 14.78 16.77
N TYR A 68 -12.30 15.14 18.00
CA TYR A 68 -12.31 16.57 18.42
C TYR A 68 -12.08 16.83 19.90
N ASN A 69 -11.66 15.81 20.70
CA ASN A 69 -11.30 16.03 22.11
C ASN A 69 -12.37 16.61 23.02
N SER A 70 -13.62 16.35 22.65
CA SER A 70 -14.75 16.97 23.27
C SER A 70 -14.71 18.50 23.15
N ASP A 71 -14.01 19.04 22.14
CA ASP A 71 -14.06 20.50 21.87
C ASP A 71 -15.30 20.91 21.04
N LYS A 72 -16.27 21.43 21.76
CA LYS A 72 -17.55 21.95 21.21
C LYS A 72 -17.35 22.89 20.04
N ASP A 73 -16.36 23.80 20.16
CA ASP A 73 -16.08 24.79 19.10
C ASP A 73 -15.52 24.14 17.86
N LYS A 74 -14.55 23.26 18.01
CA LYS A 74 -14.04 22.56 16.84
C LYS A 74 -15.10 21.62 16.21
N PHE A 75 -15.98 21.04 17.04
CA PHE A 75 -17.04 20.19 16.51
C PHE A 75 -18.12 21.03 15.80
N ASN A 76 -18.47 22.16 16.36
CA ASN A 76 -19.54 22.95 15.75
C ASN A 76 -19.24 23.51 14.37
N THR A 77 -17.97 23.51 13.98
CA THR A 77 -17.54 23.95 12.68
C THR A 77 -17.30 22.86 11.63
N SER A 78 -17.40 21.59 12.01
CA SER A 78 -17.09 20.46 11.10
C SER A 78 -18.21 20.24 10.14
N PRO A 79 -17.93 19.61 8.95
CA PRO A 79 -18.99 19.25 8.02
C PRO A 79 -19.92 18.15 8.52
N ILE A 80 -19.44 17.40 9.51
CA ILE A 80 -20.26 16.44 10.23
C ILE A 80 -21.39 17.09 11.00
N ALA A 81 -21.08 18.06 11.83
CA ALA A 81 -22.10 18.80 12.55
C ALA A 81 -23.11 19.54 11.61
N LYS A 82 -22.61 20.17 10.56
CA LYS A 82 -23.48 20.88 9.64
C LYS A 82 -24.50 19.92 9.00
N TYR A 83 -24.04 18.75 8.57
CA TYR A 83 -24.93 17.80 7.93
C TYR A 83 -26.05 17.30 8.87
N LEU A 84 -25.68 16.99 10.09
CA LEU A 84 -26.67 16.49 11.08
C LEU A 84 -27.63 17.60 11.44
N ARG A 85 -27.18 18.83 11.55
CA ARG A 85 -28.19 19.91 11.68
C ARG A 85 -29.02 20.05 10.40
N ASP A 86 -28.40 20.04 9.22
CA ASP A 86 -29.19 20.16 7.98
C ASP A 86 -30.18 18.99 7.90
N ALA A 87 -29.88 17.89 8.59
CA ALA A 87 -30.77 16.76 8.67
C ALA A 87 -31.80 16.84 9.78
N GLY A 88 -31.81 17.91 10.59
CA GLY A 88 -32.75 18.06 11.70
C GLY A 88 -32.32 17.70 13.13
N TYR A 89 -31.09 17.23 13.32
CA TYR A 89 -30.66 16.91 14.67
C TYR A 89 -30.39 18.18 15.43
N GLU A 90 -30.68 18.17 16.72
CA GLU A 90 -30.15 19.20 17.62
C GLU A 90 -29.61 18.55 18.86
N PHE A 91 -28.47 19.05 19.27
CA PHE A 91 -27.66 18.42 20.27
C PHE A 91 -28.03 19.07 21.56
N ASP A 92 -28.16 18.26 22.61
CA ASP A 92 -28.38 18.72 23.98
C ASP A 92 -27.13 18.25 24.72
N VAL A 93 -26.84 18.89 25.84
CA VAL A 93 -25.58 18.69 26.52
C VAL A 93 -25.88 18.44 27.99
N ILE A 94 -25.32 17.35 28.52
CA ILE A 94 -25.24 17.12 29.96
C ILE A 94 -23.85 17.57 30.36
N LYS A 95 -23.78 18.78 30.93
CA LYS A 95 -22.58 19.25 31.61
C LYS A 95 -22.54 18.59 32.97
N ASN A 96 -21.56 17.72 33.17
CA ASN A 96 -21.18 17.33 34.52
C ASN A 96 -19.70 17.09 34.55
N ALA A 97 -19.01 17.85 35.36
CA ALA A 97 -17.55 17.93 35.32
C ALA A 97 -16.88 16.87 36.21
N ASP A 98 -17.32 16.90 37.46
CA ASP A 98 -16.89 16.04 38.57
C ASP A 98 -17.44 14.58 38.57
N ALA A 99 -17.45 13.85 37.46
CA ALA A 99 -18.02 12.48 37.52
C ALA A 99 -17.30 11.59 36.54
N THR A 100 -17.00 10.38 37.04
CA THR A 100 -16.06 9.43 36.43
C THR A 100 -16.82 8.30 35.74
N ARG A 101 -18.05 8.02 36.15
CA ARG A 101 -18.79 6.88 35.62
C ARG A 101 -19.88 7.35 34.63
N PHE A 102 -20.11 6.54 33.60
CA PHE A 102 -21.26 6.74 32.70
C PHE A 102 -22.55 6.68 33.52
N LEU A 103 -22.54 5.82 34.53
CA LEU A 103 -23.59 5.75 35.52
C LEU A 103 -24.00 7.15 36.02
N ASP A 104 -23.02 8.00 36.31
CA ASP A 104 -23.30 9.30 36.90
C ASP A 104 -23.95 10.30 35.94
N VAL A 105 -23.70 10.14 34.64
CA VAL A 105 -24.25 11.06 33.62
C VAL A 105 -25.63 10.70 33.07
N ILE A 106 -26.23 9.60 33.53
CA ILE A 106 -27.53 9.17 33.01
C ILE A 106 -28.57 9.98 33.81
N PRO A 107 -29.53 10.66 33.14
CA PRO A 107 -30.45 11.49 33.90
C PRO A 107 -31.32 10.66 34.81
N ASN A 108 -31.99 11.35 35.72
CA ASN A 108 -32.48 10.76 36.98
C ASN A 108 -33.87 10.15 36.88
N GLU A 109 -34.23 9.63 35.72
CA GLU A 109 -35.62 9.36 35.40
C GLU A 109 -36.00 7.91 35.62
N PRO A 110 -37.25 7.65 36.06
CA PRO A 110 -37.67 6.26 36.13
C PRO A 110 -37.33 5.51 34.84
N HIS A 111 -37.47 6.17 33.69
CA HIS A 111 -37.31 5.43 32.46
C HIS A 111 -35.86 5.04 32.09
N TYR A 112 -34.86 5.51 32.83
CA TYR A 112 -33.48 4.97 32.76
C TYR A 112 -33.12 4.01 33.88
N SER A 113 -34.10 3.57 34.68
CA SER A 113 -33.78 2.63 35.79
C SER A 113 -33.16 1.33 35.36
N PRO A 114 -33.74 0.64 34.36
CA PRO A 114 -33.18 -0.67 33.99
C PRO A 114 -31.82 -0.59 33.29
N LEU A 115 -31.52 0.57 32.70
CA LEU A 115 -30.20 0.87 32.18
C LEU A 115 -29.26 1.16 33.33
N ILE A 116 -29.72 1.97 34.28
CA ILE A 116 -28.95 2.27 35.50
C ILE A 116 -28.58 0.97 36.20
N LEU A 117 -29.58 0.10 36.37
CA LEU A 117 -29.36 -1.24 36.92
C LEU A 117 -28.27 -2.03 36.18
N ALA A 118 -28.33 -2.08 34.87
CA ALA A 118 -27.35 -2.86 34.08
C ALA A 118 -25.92 -2.25 34.18
N LEU A 119 -25.86 -0.92 34.15
CA LEU A 119 -24.58 -0.20 34.27
C LEU A 119 -23.97 -0.37 35.66
N LYS A 120 -24.81 -0.57 36.67
CA LYS A 120 -24.37 -0.66 38.07
C LYS A 120 -23.51 -1.87 38.28
N THR A 121 -23.76 -2.92 37.46
CA THR A 121 -23.13 -4.24 37.59
C THR A 121 -22.12 -4.60 36.53
N LEU A 122 -21.81 -3.66 35.65
CA LEU A 122 -21.08 -3.94 34.42
C LEU A 122 -19.56 -4.08 34.66
N GLU A 123 -18.89 -4.86 33.81
CA GLU A 123 -17.43 -4.90 33.75
C GLU A 123 -16.79 -3.63 33.11
N SER A 124 -15.66 -3.18 33.65
CA SER A 124 -14.93 -2.05 33.10
C SER A 124 -13.47 -2.08 33.55
N THR A 125 -12.59 -2.50 32.64
CA THR A 125 -11.16 -2.56 32.86
C THR A 125 -10.63 -1.17 32.56
N GLU A 126 -9.42 -0.88 33.03
CA GLU A 126 -8.71 0.32 32.61
C GLU A 126 -8.58 0.34 31.09
N SER A 127 -8.75 1.53 30.55
CA SER A 127 -9.06 1.77 29.15
C SER A 127 -7.97 2.57 28.39
N GLN A 128 -7.30 1.95 27.42
CA GLN A 128 -6.32 2.68 26.54
C GLN A 128 -6.96 3.48 25.41
N ARG A 129 -6.27 4.52 24.87
CA ARG A 129 -6.96 5.52 23.96
C ARG A 129 -7.13 5.02 22.54
N GLY A 130 -6.35 4.06 22.11
CA GLY A 130 -6.69 3.42 20.83
C GLY A 130 -8.12 2.87 20.74
N ARG A 131 -8.73 2.60 21.90
CA ARG A 131 -10.01 1.86 22.07
C ARG A 131 -11.23 2.50 21.41
N ILE A 132 -11.37 3.81 21.47
CA ILE A 132 -12.47 4.45 20.76
C ILE A 132 -12.31 4.22 19.30
N GLY A 133 -11.17 4.64 18.80
CA GLY A 133 -10.80 4.37 17.42
C GLY A 133 -10.88 2.93 17.00
N LEU A 134 -10.47 2.05 17.88
CA LEU A 134 -10.46 0.62 17.61
C LEU A 134 -11.92 0.12 17.44
N PHE A 135 -12.77 0.58 18.34
CA PHE A 135 -14.20 0.31 18.29
C PHE A 135 -14.83 0.82 16.98
N LEU A 136 -14.53 2.06 16.59
CA LEU A 136 -15.13 2.62 15.39
C LEU A 136 -14.65 1.88 14.16
N SER A 137 -13.39 1.44 14.16
CA SER A 137 -12.86 0.68 13.04
C SER A 137 -13.60 -0.64 12.87
N PHE A 138 -13.88 -1.25 14.01
CA PHE A 138 -14.59 -2.49 13.98
C PHE A 138 -16.00 -2.28 13.42
N CYS A 139 -16.82 -1.40 14.01
CA CYS A 139 -18.13 -1.01 13.36
C CYS A 139 -18.08 -0.75 11.88
N SER A 140 -17.00 -0.12 11.40
CA SER A 140 -16.86 0.15 9.98
C SER A 140 -16.79 -1.07 9.11
N LEU A 141 -16.35 -2.17 9.67
CA LEU A 141 -16.27 -3.45 8.87
C LEU A 141 -17.64 -4.09 8.45
N PHE A 142 -18.72 -3.71 9.12
CA PHE A 142 -20.07 -4.21 8.82
C PHE A 142 -20.74 -3.42 7.70
N LEU A 143 -20.22 -2.24 7.41
CA LEU A 143 -20.88 -1.43 6.40
C LEU A 143 -20.99 -2.05 5.07
N PRO A 144 -19.91 -2.72 4.59
CA PRO A 144 -20.04 -2.99 3.17
C PRO A 144 -21.24 -3.77 2.77
N LYS A 145 -21.71 -4.70 3.62
CA LYS A 145 -22.90 -5.48 3.33
C LYS A 145 -24.06 -5.25 4.33
N LEU A 146 -24.06 -4.12 5.01
CA LEU A 146 -25.07 -3.89 6.05
C LEU A 146 -26.51 -4.11 5.54
N VAL A 147 -26.81 -3.65 4.32
CA VAL A 147 -28.17 -3.64 3.74
C VAL A 147 -28.71 -4.98 3.33
N VAL A 148 -27.83 -5.96 3.18
CA VAL A 148 -28.16 -7.32 2.82
C VAL A 148 -28.58 -8.13 4.03
N GLY A 149 -28.30 -7.70 5.26
CA GLY A 149 -28.74 -8.45 6.46
C GLY A 149 -27.60 -8.85 7.41
N ASP A 150 -27.96 -9.36 8.58
CA ASP A 150 -26.89 -9.75 9.56
C ASP A 150 -25.88 -10.79 9.10
N ARG A 151 -26.34 -11.84 8.40
CA ARG A 151 -25.46 -12.92 8.04
C ARG A 151 -24.40 -12.39 7.08
N ALA A 152 -24.87 -11.71 6.05
CA ALA A 152 -24.00 -11.12 5.04
C ALA A 152 -23.07 -10.01 5.56
N SER A 153 -23.54 -9.20 6.50
CA SER A 153 -22.74 -8.09 7.02
C SER A 153 -21.65 -8.67 7.88
N ILE A 154 -22.01 -9.71 8.65
CA ILE A 154 -21.08 -10.42 9.55
C ILE A 154 -20.05 -11.28 8.86
N GLU A 155 -20.41 -12.06 7.86
CA GLU A 155 -19.38 -12.87 7.11
C GLU A 155 -18.39 -12.00 6.38
N LYS A 156 -18.87 -10.89 5.84
CA LYS A 156 -18.00 -9.92 5.23
C LYS A 156 -17.05 -9.30 6.21
N ALA A 157 -17.57 -8.84 7.34
CA ALA A 157 -16.74 -8.17 8.28
C ALA A 157 -15.66 -9.15 8.78
N LEU A 158 -16.01 -10.45 8.90
CA LEU A 158 -15.08 -11.46 9.42
C LEU A 158 -13.93 -11.75 8.44
N ARG A 159 -14.24 -11.78 7.16
CA ARG A 159 -13.21 -11.87 6.11
C ARG A 159 -12.25 -10.69 6.14
N GLN A 160 -12.81 -9.51 6.39
CA GLN A 160 -12.04 -8.30 6.47
C GLN A 160 -11.23 -8.16 7.79
N VAL A 161 -11.68 -8.80 8.85
CA VAL A 161 -10.84 -8.84 10.06
C VAL A 161 -9.53 -9.59 9.72
N THR A 162 -9.64 -10.66 8.93
CA THR A 162 -8.49 -11.48 8.52
C THR A 162 -7.44 -10.65 7.77
N VAL A 163 -7.90 -9.78 6.85
CA VAL A 163 -7.02 -8.94 6.06
C VAL A 163 -6.27 -7.91 6.94
N HIS A 164 -7.00 -7.15 7.75
CA HIS A 164 -6.37 -6.18 8.69
C HIS A 164 -5.49 -6.78 9.78
N GLN A 165 -5.83 -7.99 10.23
CA GLN A 165 -5.01 -8.72 11.21
C GLN A 165 -3.69 -9.19 10.61
N GLU A 166 -3.78 -9.71 9.41
CA GLU A 166 -2.68 -10.22 8.63
C GLU A 166 -1.78 -9.10 8.16
N GLN A 167 -2.35 -7.94 7.88
CA GLN A 167 -1.56 -6.75 7.61
C GLN A 167 -0.90 -6.12 8.88
N GLY A 168 -1.10 -6.66 10.07
CA GLY A 168 -0.58 -6.08 11.31
C GLY A 168 -1.21 -4.75 11.70
N ILE A 169 -2.28 -4.36 11.02
CA ILE A 169 -2.92 -3.07 11.18
C ILE A 169 -3.61 -2.98 12.53
N VAL A 170 -4.16 -4.10 12.98
CA VAL A 170 -4.94 -4.17 14.22
C VAL A 170 -5.26 -5.64 14.47
N THR A 171 -5.39 -5.96 15.74
CA THR A 171 -5.88 -7.23 16.18
C THR A 171 -6.96 -6.86 17.16
N TYR A 172 -8.21 -7.23 16.82
CA TYR A 172 -9.32 -6.95 17.70
C TYR A 172 -9.26 -8.01 18.73
N PRO A 173 -9.85 -7.77 19.90
CA PRO A 173 -9.87 -8.83 20.90
C PRO A 173 -10.66 -9.99 20.37
N ASN A 174 -10.25 -11.19 20.77
CA ASN A 174 -10.69 -12.40 20.13
C ASN A 174 -12.18 -12.62 20.30
N HIS A 175 -12.68 -12.21 21.44
CA HIS A 175 -14.11 -12.19 21.77
C HIS A 175 -15.04 -11.20 21.03
N TRP A 176 -14.45 -10.22 20.32
CA TRP A 176 -15.20 -9.36 19.41
C TRP A 176 -15.55 -10.16 18.15
N LEU A 177 -14.79 -11.26 17.89
CA LEU A 177 -14.95 -12.06 16.70
C LEU A 177 -16.01 -13.23 16.77
N THR A 178 -16.71 -13.35 17.86
CA THR A 178 -17.81 -14.31 17.96
C THR A 178 -19.07 -13.74 17.33
N THR A 179 -19.90 -14.60 16.77
CA THR A 179 -21.19 -14.21 16.19
C THR A 179 -22.12 -13.54 17.18
N GLY A 180 -22.18 -14.01 18.41
CA GLY A 180 -22.91 -13.24 19.43
C GLY A 180 -22.51 -11.76 19.50
N HIS A 181 -21.21 -11.51 19.51
CA HIS A 181 -20.76 -10.14 19.73
C HIS A 181 -21.00 -9.40 18.46
N MET A 182 -20.88 -10.09 17.34
CA MET A 182 -21.02 -9.42 16.09
C MET A 182 -22.43 -9.00 15.75
N LYS A 183 -23.37 -9.82 16.17
CA LYS A 183 -24.76 -9.48 16.10
C LYS A 183 -25.06 -8.27 16.91
N VAL A 184 -24.47 -8.14 18.11
CA VAL A 184 -24.70 -6.90 18.83
C VAL A 184 -24.28 -5.73 17.92
N ILE A 185 -23.15 -5.82 17.24
CA ILE A 185 -22.55 -4.63 16.57
C ILE A 185 -23.31 -4.24 15.33
N PHE A 186 -23.59 -5.24 14.53
CA PHE A 186 -24.54 -5.07 13.42
C PHE A 186 -25.83 -4.37 13.84
N GLY A 187 -26.41 -4.70 15.00
CA GLY A 187 -27.70 -4.12 15.41
C GLY A 187 -27.54 -2.65 15.84
N ILE A 188 -26.47 -2.37 16.56
CA ILE A 188 -26.01 -0.97 16.80
C ILE A 188 -25.89 -0.17 15.49
N LEU A 189 -25.27 -0.75 14.46
CA LEU A 189 -25.14 -0.06 13.15
C LEU A 189 -26.50 0.20 12.49
N ARG A 190 -27.36 -0.81 12.42
CA ARG A 190 -28.71 -0.63 11.86
C ARG A 190 -29.45 0.47 12.64
N SER A 191 -29.38 0.38 13.97
CA SER A 191 -29.99 1.34 14.88
C SER A 191 -29.51 2.79 14.79
N SER A 192 -28.24 3.03 14.45
CA SER A 192 -27.71 4.39 14.59
C SER A 192 -27.50 5.02 13.25
N PHE A 193 -28.26 6.07 12.95
CA PHE A 193 -27.98 6.86 11.78
C PHE A 193 -26.60 7.57 11.97
N ILE A 194 -26.38 8.16 13.12
CA ILE A 194 -25.24 9.01 13.36
C ILE A 194 -23.94 8.25 13.27
N LEU A 195 -23.92 7.07 13.85
CA LEU A 195 -22.76 6.28 13.84
C LEU A 195 -22.33 6.05 12.45
N LYS A 196 -23.23 5.50 11.66
CA LYS A 196 -23.02 5.18 10.27
C LYS A 196 -22.58 6.37 9.40
N PHE A 197 -23.13 7.54 9.71
CA PHE A 197 -22.81 8.73 8.98
C PHE A 197 -21.42 9.25 9.34
N VAL A 198 -21.02 9.15 10.61
CA VAL A 198 -19.69 9.64 11.03
C VAL A 198 -18.66 8.82 10.30
N LEU A 199 -18.87 7.51 10.29
CA LEU A 199 -18.00 6.55 9.60
C LEU A 199 -17.91 6.86 8.13
N ILE A 200 -19.06 7.01 7.46
CA ILE A 200 -19.06 7.26 5.99
C ILE A 200 -18.46 8.64 5.63
N HIS A 201 -18.59 9.63 6.50
CA HIS A 201 -18.04 10.94 6.22
C HIS A 201 -16.54 10.95 6.39
N GLN A 202 -16.09 10.56 7.57
CA GLN A 202 -14.68 10.41 7.86
C GLN A 202 -13.99 9.44 6.96
N GLY A 203 -14.69 8.38 6.59
CA GLY A 203 -14.36 7.59 5.45
C GLY A 203 -14.01 8.32 4.18
N VAL A 204 -14.94 9.08 3.66
CA VAL A 204 -14.68 9.75 2.38
C VAL A 204 -13.75 10.97 2.42
N ASN A 205 -13.54 11.60 3.58
CA ASN A 205 -12.62 12.72 3.71
C ASN A 205 -11.24 12.38 4.34
N LEU A 206 -10.88 11.10 4.45
CA LEU A 206 -9.53 10.71 4.88
C LEU A 206 -8.45 11.02 3.79
N VAL A 207 -7.28 11.47 4.25
CA VAL A 207 -6.06 11.67 3.45
C VAL A 207 -4.98 10.92 4.22
N THR A 208 -4.59 11.46 5.37
CA THR A 208 -3.70 10.79 6.32
C THR A 208 -4.45 10.24 7.54
N GLY A 209 -5.61 10.81 7.87
CA GLY A 209 -6.47 10.27 8.94
C GLY A 209 -6.22 10.93 10.27
N HIS A 210 -7.17 10.79 11.21
CA HIS A 210 -7.00 11.31 12.58
C HIS A 210 -5.96 10.51 13.42
N ASP A 211 -5.76 9.27 13.02
CA ASP A 211 -4.99 8.28 13.71
C ASP A 211 -4.94 7.05 12.81
N ALA A 212 -4.26 5.98 13.26
CA ALA A 212 -4.11 4.74 12.49
C ALA A 212 -5.41 3.97 12.21
N TYR A 213 -6.38 4.14 13.09
CA TYR A 213 -7.64 3.40 12.97
C TYR A 213 -8.49 3.93 11.87
N ASP A 214 -8.29 5.20 11.52
CA ASP A 214 -9.03 5.83 10.42
C ASP A 214 -8.90 5.20 8.98
N SER A 215 -7.80 4.56 8.65
CA SER A 215 -7.65 4.00 7.28
C SER A 215 -8.39 2.67 7.10
N ILE A 216 -8.81 2.07 8.19
CA ILE A 216 -9.66 0.87 8.10
C ILE A 216 -11.03 1.35 7.62
N ILE A 217 -11.44 2.44 8.25
CA ILE A 217 -12.78 3.01 8.11
C ILE A 217 -12.90 3.41 6.68
N SER A 218 -11.93 4.19 6.22
CA SER A 218 -11.89 4.58 4.78
C SER A 218 -11.95 3.42 3.80
N ASN A 219 -11.21 2.35 4.10
CA ASN A 219 -11.20 1.17 3.21
C ASN A 219 -12.52 0.42 3.15
N SER A 220 -13.14 0.27 4.32
CA SER A 220 -14.48 -0.33 4.35
C SER A 220 -15.54 0.54 3.64
N VAL A 221 -15.43 1.85 3.92
CA VAL A 221 -16.34 2.83 3.37
C VAL A 221 -16.18 2.86 1.89
N GLY A 222 -14.95 2.60 1.40
CA GLY A 222 -14.73 2.57 -0.04
C GLY A 222 -15.44 1.41 -0.63
N GLN A 223 -15.46 0.30 0.07
CA GLN A 223 -16.20 -0.87 -0.37
C GLN A 223 -17.74 -0.86 -0.18
N THR A 224 -18.27 0.15 0.51
CA THR A 224 -19.73 0.38 0.67
C THR A 224 -20.40 1.26 -0.42
N ARG A 225 -19.61 2.14 -1.04
CA ARG A 225 -19.99 2.88 -2.26
C ARG A 225 -20.98 2.16 -3.17
N PHE A 226 -22.18 2.73 -3.35
CA PHE A 226 -23.31 2.11 -4.12
C PHE A 226 -23.84 0.78 -3.66
N SER A 227 -23.58 0.42 -2.41
CA SER A 227 -24.27 -0.73 -1.86
C SER A 227 -25.79 -0.53 -2.01
N GLY A 228 -26.44 -1.51 -2.63
CA GLY A 228 -27.85 -1.44 -2.94
C GLY A 228 -28.25 -0.40 -3.97
N LEU A 229 -27.28 0.15 -4.72
CA LEU A 229 -27.56 1.13 -5.79
C LEU A 229 -26.80 0.78 -7.06
N LEU A 230 -26.23 -0.43 -7.15
CA LEU A 230 -25.25 -0.77 -8.22
C LEU A 230 -25.94 -1.17 -9.51
N ILE A 231 -27.04 -1.92 -9.39
CA ILE A 231 -27.79 -2.31 -10.59
C ILE A 231 -28.43 -1.03 -11.23
N VAL A 232 -29.25 -0.29 -10.48
CA VAL A 232 -29.83 0.93 -11.05
C VAL A 232 -28.73 1.84 -11.64
N LYS A 233 -27.60 1.96 -10.95
CA LYS A 233 -26.44 2.73 -11.46
C LYS A 233 -26.00 2.23 -12.82
N THR A 234 -25.96 0.91 -12.99
CA THR A 234 -25.54 0.31 -14.26
C THR A 234 -26.53 0.54 -15.35
N VAL A 235 -27.82 0.37 -15.04
CA VAL A 235 -28.91 0.60 -16.00
C VAL A 235 -28.85 2.04 -16.53
N LEU A 236 -28.68 2.96 -15.61
CA LEU A 236 -28.49 4.34 -15.96
C LEU A 236 -27.36 4.51 -16.98
N GLU A 237 -26.18 4.00 -16.61
CA GLU A 237 -24.97 4.15 -17.43
C GLU A 237 -25.17 3.75 -18.85
N PHE A 238 -25.86 2.64 -19.05
CA PHE A 238 -26.15 2.13 -20.36
C PHE A 238 -27.36 2.66 -21.09
N ILE A 239 -28.07 3.63 -20.55
CA ILE A 239 -29.12 4.30 -21.36
C ILE A 239 -28.60 5.65 -21.83
N LEU A 240 -27.40 5.99 -21.40
CA LEU A 240 -26.72 7.17 -21.80
C LEU A 240 -25.79 6.94 -23.01
N GLN A 241 -25.84 7.86 -23.98
CA GLN A 241 -25.05 7.76 -25.19
C GLN A 241 -24.17 8.99 -25.33
N LYS A 242 -23.04 8.82 -25.98
CA LYS A 242 -22.16 9.95 -26.28
C LYS A 242 -22.62 10.50 -27.64
N THR A 243 -22.52 11.83 -27.82
CA THR A 243 -22.79 12.50 -29.11
C THR A 243 -21.84 13.71 -29.27
N ASP A 244 -21.82 14.26 -30.49
CA ASP A 244 -21.09 15.54 -30.79
C ASP A 244 -21.58 16.64 -29.85
N SER A 245 -22.92 16.67 -29.70
CA SER A 245 -23.67 17.65 -28.92
C SER A 245 -23.88 17.18 -27.47
N GLY A 246 -22.87 16.51 -26.89
CA GLY A 246 -22.88 16.09 -25.49
C GLY A 246 -23.61 14.79 -25.18
N VAL A 247 -23.60 14.44 -23.89
CA VAL A 247 -24.16 13.16 -23.42
C VAL A 247 -25.65 13.25 -23.36
N THR A 248 -26.30 12.22 -23.92
CA THR A 248 -27.73 12.21 -24.16
C THR A 248 -28.28 10.90 -23.66
N LEU A 249 -29.60 10.85 -23.49
CA LEU A 249 -30.34 9.60 -23.35
C LEU A 249 -30.35 8.94 -24.71
N HIS A 250 -30.42 7.62 -24.70
CA HIS A 250 -30.57 6.81 -25.91
C HIS A 250 -31.94 7.08 -26.57
N PRO A 251 -31.96 7.27 -27.91
CA PRO A 251 -33.22 7.54 -28.66
C PRO A 251 -34.47 6.75 -28.31
N LEU A 252 -34.34 5.45 -28.06
CA LEU A 252 -35.51 4.61 -27.70
C LEU A 252 -36.06 4.92 -26.31
N VAL A 253 -35.27 5.61 -25.50
CA VAL A 253 -35.70 5.96 -24.17
C VAL A 253 -36.63 7.16 -24.28
N ARG A 254 -36.38 8.01 -25.27
CA ARG A 254 -37.20 9.19 -25.55
C ARG A 254 -38.41 8.95 -26.49
N THR A 255 -39.03 7.77 -26.41
CA THR A 255 -40.22 7.44 -27.23
C THR A 255 -41.43 7.54 -26.33
N SER A 256 -42.64 7.47 -26.88
CA SER A 256 -43.85 7.63 -26.05
C SER A 256 -44.16 6.47 -25.11
N LYS A 257 -43.63 5.28 -25.39
CA LYS A 257 -43.98 4.13 -24.56
C LYS A 257 -43.15 4.09 -23.28
N VAL A 258 -42.09 4.90 -23.23
CA VAL A 258 -41.17 4.92 -22.14
C VAL A 258 -41.33 6.23 -21.33
N LYS A 259 -42.31 7.09 -21.69
CA LYS A 259 -42.36 8.47 -21.14
C LYS A 259 -42.61 8.49 -19.65
N ASN A 260 -43.46 7.57 -19.19
CA ASN A 260 -43.81 7.45 -17.79
C ASN A 260 -42.64 7.00 -16.92
N GLU A 261 -42.00 5.93 -17.38
CA GLU A 261 -40.77 5.40 -16.78
C GLU A 261 -39.64 6.39 -16.74
N VAL A 262 -39.41 7.12 -17.83
CA VAL A 262 -38.40 8.15 -17.85
C VAL A 262 -38.63 9.25 -16.80
N ALA A 263 -39.87 9.76 -16.75
CA ALA A 263 -40.30 10.79 -15.81
C ALA A 263 -40.14 10.27 -14.39
N SER A 264 -40.57 9.04 -14.14
CA SER A 264 -40.40 8.42 -12.79
C SER A 264 -38.95 8.23 -12.42
N PHE A 265 -38.20 7.66 -13.37
CA PHE A 265 -36.78 7.44 -13.13
C PHE A 265 -36.07 8.74 -12.82
N LYS A 266 -36.47 9.79 -13.51
CA LYS A 266 -35.76 11.00 -13.39
C LYS A 266 -36.02 11.64 -12.02
N GLN A 267 -37.28 11.69 -11.63
CA GLN A 267 -37.71 12.10 -10.28
C GLN A 267 -37.03 11.27 -9.16
N ALA A 268 -37.06 9.94 -9.24
CA ALA A 268 -36.22 9.10 -8.35
C ALA A 268 -34.74 9.48 -8.36
N LEU A 269 -34.20 9.81 -9.54
CA LEU A 269 -32.77 10.05 -9.69
C LEU A 269 -32.42 11.39 -9.09
N SER A 270 -33.34 12.34 -9.32
CA SER A 270 -33.27 13.65 -8.66
C SER A 270 -33.40 13.63 -7.13
N ASN A 271 -34.24 12.78 -6.60
CA ASN A 271 -34.22 12.53 -5.14
C ASN A 271 -32.84 12.06 -4.61
N LEU A 272 -32.24 11.04 -5.24
CA LEU A 272 -30.84 10.63 -4.92
C LEU A 272 -29.80 11.73 -4.95
N ALA A 273 -29.82 12.54 -6.01
CA ALA A 273 -28.82 13.61 -6.18
C ALA A 273 -28.93 14.72 -5.15
N ARG A 274 -30.07 14.82 -4.44
CA ARG A 274 -30.08 15.68 -3.23
C ARG A 274 -29.06 15.27 -2.20
N HIS A 275 -28.74 13.98 -2.19
CA HIS A 275 -27.81 13.48 -1.17
C HIS A 275 -26.34 13.78 -1.50
N GLY A 276 -26.11 14.26 -2.73
CA GLY A 276 -24.84 14.83 -3.12
C GLY A 276 -23.73 13.82 -3.00
N GLU A 277 -22.66 14.20 -2.34
CA GLU A 277 -21.52 13.28 -2.11
C GLU A 277 -21.91 11.99 -1.34
N TYR A 278 -23.00 12.03 -0.55
CA TYR A 278 -23.43 10.87 0.24
C TYR A 278 -24.37 10.04 -0.48
N ALA A 279 -24.64 10.32 -1.73
CA ALA A 279 -25.58 9.53 -2.52
C ALA A 279 -25.15 8.10 -2.84
N PRO A 280 -23.82 7.84 -3.01
CA PRO A 280 -23.42 6.43 -3.10
C PRO A 280 -23.79 5.65 -1.88
N PHE A 281 -23.91 6.29 -0.73
CA PHE A 281 -24.23 5.60 0.50
C PHE A 281 -25.71 5.77 0.96
N ALA A 282 -26.64 5.96 0.01
CA ALA A 282 -27.99 6.43 0.34
C ALA A 282 -28.83 5.38 1.01
N ARG A 283 -28.72 4.18 0.48
CA ARG A 283 -29.40 3.00 0.95
C ARG A 283 -28.88 2.42 2.27
N VAL A 284 -27.58 2.52 2.49
CA VAL A 284 -26.92 2.13 3.75
C VAL A 284 -27.29 3.11 4.83
N LEU A 285 -27.34 4.37 4.45
CA LEU A 285 -27.78 5.44 5.35
C LEU A 285 -29.33 5.58 5.46
N ASN A 286 -30.10 4.75 4.75
CA ASN A 286 -31.54 4.92 4.49
C ASN A 286 -31.98 6.34 4.24
N LEU A 287 -31.33 7.00 3.30
CA LEU A 287 -31.61 8.43 3.04
C LEU A 287 -32.93 8.54 2.31
N SER A 288 -33.60 9.68 2.42
CA SER A 288 -34.98 9.81 1.95
C SER A 288 -35.09 9.81 0.43
N GLY A 289 -36.18 9.25 -0.08
CA GLY A 289 -36.60 9.49 -1.44
C GLY A 289 -36.08 8.55 -2.49
N ILE A 290 -35.57 7.41 -2.07
CA ILE A 290 -35.02 6.41 -2.94
C ILE A 290 -35.87 5.16 -3.11
N ASN A 291 -37.10 5.22 -2.62
CA ASN A 291 -37.99 4.08 -2.66
C ASN A 291 -38.32 3.61 -4.04
N ASN A 292 -38.27 4.50 -5.05
CA ASN A 292 -38.55 4.10 -6.43
C ASN A 292 -37.34 3.81 -7.32
N LEU A 293 -36.15 3.78 -6.76
CA LEU A 293 -34.93 3.33 -7.44
C LEU A 293 -34.75 1.81 -7.48
N GLU A 294 -35.78 1.05 -7.75
CA GLU A 294 -35.62 -0.37 -7.96
C GLU A 294 -35.65 -0.43 -9.49
N HIS A 295 -34.76 -1.24 -10.05
CA HIS A 295 -34.65 -1.38 -11.51
C HIS A 295 -35.87 -2.15 -12.02
N GLY A 296 -36.40 -3.03 -11.15
CA GLY A 296 -37.74 -3.60 -11.26
C GLY A 296 -38.76 -2.64 -11.84
N LEU A 297 -38.82 -1.40 -11.38
CA LEU A 297 -39.93 -0.51 -11.77
C LEU A 297 -39.85 -0.01 -13.23
N TYR A 298 -38.66 -0.04 -13.84
CA TYR A 298 -38.37 0.45 -15.18
C TYR A 298 -37.98 -0.69 -16.18
N PRO A 299 -38.94 -1.59 -16.50
CA PRO A 299 -38.66 -2.76 -17.33
C PRO A 299 -38.23 -2.38 -18.72
N GLN A 300 -38.84 -1.33 -19.29
CA GLN A 300 -38.42 -0.85 -20.58
C GLN A 300 -37.00 -0.28 -20.56
N LEU A 301 -36.64 0.49 -19.52
CA LEU A 301 -35.28 1.07 -19.40
C LEU A 301 -34.21 -0.04 -19.15
N SER A 302 -34.60 -1.04 -18.36
CA SER A 302 -33.75 -2.20 -18.09
C SER A 302 -33.45 -2.97 -19.38
N ALA A 303 -34.48 -3.26 -20.20
CA ALA A 303 -34.26 -3.83 -21.53
C ALA A 303 -33.21 -3.08 -22.35
N ILE A 304 -33.37 -1.78 -22.45
CA ILE A 304 -32.53 -0.96 -23.32
C ILE A 304 -31.06 -0.88 -22.84
N ALA A 305 -30.86 -0.71 -21.55
CA ALA A 305 -29.53 -0.82 -20.97
C ALA A 305 -28.92 -2.17 -21.29
N LEU A 306 -29.71 -3.24 -21.15
CA LEU A 306 -29.26 -4.59 -21.50
C LEU A 306 -28.80 -4.60 -22.96
N GLY A 307 -29.71 -4.32 -23.89
CA GLY A 307 -29.34 -4.25 -25.31
C GLY A 307 -27.99 -3.56 -25.45
N VAL A 308 -27.90 -2.34 -24.92
CA VAL A 308 -26.64 -1.57 -25.03
C VAL A 308 -25.42 -2.23 -24.33
N ALA A 309 -25.61 -2.74 -23.11
CA ALA A 309 -24.54 -3.42 -22.39
C ALA A 309 -24.02 -4.64 -23.20
N THR A 310 -24.93 -5.50 -23.66
CA THR A 310 -24.58 -6.73 -24.35
C THR A 310 -23.70 -6.51 -25.60
N ALA A 311 -23.95 -5.42 -26.34
CA ALA A 311 -23.10 -5.03 -27.47
C ALA A 311 -21.67 -4.57 -27.10
N HIS A 312 -21.42 -4.22 -25.83
CA HIS A 312 -20.09 -3.75 -25.41
C HIS A 312 -19.00 -4.64 -24.73
N GLY A 313 -19.16 -5.85 -24.20
CA GLY A 313 -20.35 -6.68 -24.08
C GLY A 313 -20.45 -7.16 -22.62
N SER A 314 -21.13 -6.35 -21.81
CA SER A 314 -21.46 -6.71 -20.43
C SER A 314 -22.61 -7.76 -20.34
N THR A 315 -22.82 -8.27 -19.12
CA THR A 315 -24.04 -8.94 -18.73
C THR A 315 -24.49 -8.21 -17.49
N LEU A 316 -25.60 -7.50 -17.58
CA LEU A 316 -26.15 -6.80 -16.42
C LEU A 316 -26.64 -7.86 -15.47
N ALA A 317 -25.79 -8.17 -14.50
CA ALA A 317 -26.06 -9.25 -13.57
C ALA A 317 -27.08 -8.78 -12.54
N GLY A 318 -28.23 -9.44 -12.50
CA GLY A 318 -29.37 -9.03 -11.67
C GLY A 318 -30.50 -8.42 -12.50
N VAL A 319 -30.18 -7.85 -13.66
CA VAL A 319 -31.19 -7.39 -14.58
C VAL A 319 -31.69 -8.59 -15.34
N ASN A 320 -32.83 -9.11 -14.90
CA ASN A 320 -33.61 -10.08 -15.65
C ASN A 320 -34.51 -9.31 -16.61
N VAL A 321 -34.42 -9.65 -17.89
CA VAL A 321 -35.28 -9.06 -18.91
C VAL A 321 -36.50 -9.96 -19.18
N GLY A 322 -37.66 -9.52 -18.68
CA GLY A 322 -38.93 -10.12 -18.98
C GLY A 322 -39.13 -10.30 -20.48
N GLU A 323 -40.04 -11.21 -20.80
CA GLU A 323 -40.13 -11.77 -22.15
C GLU A 323 -40.80 -10.81 -23.14
N GLN A 324 -41.82 -10.08 -22.70
CA GLN A 324 -42.46 -9.06 -23.57
C GLN A 324 -41.58 -7.85 -23.93
N TYR A 325 -40.50 -7.60 -23.18
CA TYR A 325 -39.57 -6.49 -23.49
C TYR A 325 -38.33 -6.90 -24.32
N GLN A 326 -38.25 -8.20 -24.65
CA GLN A 326 -37.11 -8.81 -25.40
C GLN A 326 -36.83 -8.18 -26.76
N GLN A 327 -37.89 -7.74 -27.43
CA GLN A 327 -37.81 -7.12 -28.75
C GLN A 327 -37.11 -5.77 -28.65
N LEU A 328 -37.41 -5.04 -27.57
CA LEU A 328 -36.86 -3.69 -27.39
C LEU A 328 -35.37 -3.79 -26.95
N ARG A 329 -35.04 -4.83 -26.17
CA ARG A 329 -33.64 -5.25 -25.98
C ARG A 329 -32.94 -5.42 -27.33
N GLU A 330 -33.48 -6.29 -28.18
CA GLU A 330 -32.92 -6.52 -29.54
C GLU A 330 -32.73 -5.22 -30.31
N ALA A 331 -33.76 -4.38 -30.22
CA ALA A 331 -33.75 -3.10 -30.89
C ALA A 331 -32.55 -2.29 -30.41
N ALA A 332 -32.39 -2.21 -29.10
CA ALA A 332 -31.23 -1.53 -28.48
C ALA A 332 -29.85 -2.14 -28.79
N HIS A 333 -29.77 -3.47 -28.78
CA HIS A 333 -28.54 -4.22 -29.16
C HIS A 333 -28.19 -4.01 -30.65
N ASP A 334 -29.07 -4.48 -31.55
CA ASP A 334 -28.87 -4.31 -33.00
C ASP A 334 -28.46 -2.90 -33.38
N ALA A 335 -29.03 -1.88 -32.71
CA ALA A 335 -28.72 -0.46 -33.03
C ALA A 335 -27.47 0.14 -32.32
N GLU A 336 -27.00 -0.51 -31.23
CA GLU A 336 -25.71 -0.19 -30.56
C GLU A 336 -24.46 -0.68 -31.34
N VAL A 337 -24.65 -1.74 -32.12
CA VAL A 337 -23.64 -2.25 -33.06
C VAL A 337 -23.65 -1.40 -34.33
N LYS A 338 -24.87 -1.13 -34.84
CA LYS A 338 -25.10 -0.17 -35.92
C LYS A 338 -24.68 1.23 -35.43
N TRP B 2 -22.51 4.41 -26.72
CA TRP B 2 -21.92 4.12 -25.43
C TRP B 2 -20.45 3.82 -25.61
N ASP B 3 -19.61 4.47 -24.84
CA ASP B 3 -18.22 4.25 -25.00
C ASP B 3 -17.45 4.78 -23.88
N SER B 4 -16.16 4.50 -23.94
CA SER B 4 -15.19 5.12 -23.12
C SER B 4 -15.21 4.81 -21.68
N SER B 5 -16.26 4.13 -21.23
CA SER B 5 -16.36 3.82 -19.84
C SER B 5 -16.00 5.03 -18.96
N TYR B 6 -16.12 6.22 -19.53
CA TYR B 6 -16.11 7.45 -18.76
C TYR B 6 -17.60 7.82 -18.52
N MET B 7 -18.52 7.03 -19.08
CA MET B 7 -19.96 7.05 -18.76
C MET B 7 -20.22 6.88 -17.25
N GLN B 8 -19.55 5.90 -16.65
CA GLN B 8 -19.46 5.77 -15.20
C GLN B 8 -19.17 7.11 -14.49
N GLN B 9 -18.29 7.95 -15.04
CA GLN B 9 -18.04 9.26 -14.42
C GLN B 9 -19.29 10.16 -14.52
N VAL B 10 -19.97 10.09 -15.67
CA VAL B 10 -21.21 10.82 -15.94
C VAL B 10 -22.36 10.34 -15.05
N SER B 11 -22.69 9.06 -15.16
CA SER B 11 -23.75 8.41 -14.38
C SER B 11 -23.66 8.63 -12.88
N GLU B 12 -22.45 8.54 -12.34
CA GLU B 12 -22.20 8.83 -10.95
C GLU B 12 -22.36 10.32 -10.66
N GLY B 13 -21.94 11.16 -11.59
CA GLY B 13 -22.15 12.59 -11.42
C GLY B 13 -23.62 12.97 -11.40
N LEU B 14 -24.44 12.33 -12.24
CA LEU B 14 -25.89 12.52 -12.19
C LEU B 14 -26.46 12.14 -10.82
N MET B 15 -25.81 11.18 -10.17
CA MET B 15 -26.22 10.68 -8.87
C MET B 15 -25.77 11.44 -7.66
N THR B 16 -24.74 12.23 -7.81
CA THR B 16 -24.24 13.02 -6.72
C THR B 16 -24.40 14.45 -7.05
N GLY B 17 -25.32 14.77 -7.98
CA GLY B 17 -25.57 16.17 -8.33
C GLY B 17 -24.37 16.94 -8.85
N LYS B 18 -23.48 16.28 -9.60
CA LYS B 18 -22.37 16.95 -10.31
C LYS B 18 -22.78 17.36 -11.71
N VAL B 19 -23.54 16.50 -12.36
CA VAL B 19 -24.06 16.69 -13.67
C VAL B 19 -25.52 17.03 -13.39
N PRO B 20 -25.97 18.22 -13.83
CA PRO B 20 -27.39 18.52 -13.78
C PRO B 20 -28.21 17.52 -14.55
N ILE B 21 -29.29 17.11 -13.91
CA ILE B 21 -30.16 16.05 -14.41
C ILE B 21 -30.94 16.36 -15.69
N ASP B 22 -31.50 17.55 -15.80
CA ASP B 22 -32.48 17.81 -16.86
C ASP B 22 -31.86 18.26 -18.18
N GLN B 23 -30.57 18.60 -18.10
CA GLN B 23 -29.55 18.53 -19.17
C GLN B 23 -29.46 17.21 -19.94
N VAL B 24 -29.63 16.11 -19.22
CA VAL B 24 -29.75 14.78 -19.84
C VAL B 24 -31.21 14.42 -20.05
N PHE B 25 -32.04 14.62 -19.03
CA PHE B 25 -33.42 14.11 -19.01
C PHE B 25 -34.52 15.08 -19.45
N GLY B 26 -34.19 16.32 -19.78
CA GLY B 26 -35.22 17.31 -20.13
C GLY B 26 -36.02 17.90 -18.99
N ALA B 27 -36.37 19.19 -19.11
CA ALA B 27 -37.24 19.85 -18.14
C ALA B 27 -38.66 19.35 -18.30
N LYS C 24 17.92 22.75 32.49
CA LYS C 24 17.29 21.99 31.36
C LYS C 24 15.79 22.19 31.34
N LYS C 25 15.41 23.43 31.05
CA LYS C 25 14.01 23.74 30.76
C LYS C 25 13.73 23.07 29.44
N VAL C 26 12.48 22.72 29.22
CA VAL C 26 12.05 22.31 27.89
C VAL C 26 10.65 22.83 27.78
N ILE C 27 10.42 23.63 26.73
CA ILE C 27 9.24 24.47 26.67
C ILE C 27 8.17 23.78 25.84
N LEU C 28 7.01 23.58 26.46
CA LEU C 28 5.80 23.03 25.83
C LEU C 28 4.88 24.12 25.25
N PHE C 29 3.92 23.65 24.44
CA PHE C 29 3.02 24.55 23.68
C PHE C 29 1.55 24.24 23.86
N ASP C 30 0.92 25.09 24.65
CA ASP C 30 -0.49 24.96 24.99
C ASP C 30 -1.29 25.95 24.11
N THR C 31 -1.99 25.39 23.14
CA THR C 31 -2.90 26.14 22.27
C THR C 31 -4.15 25.29 22.12
N ASN C 32 -5.11 25.79 21.35
CA ASN C 32 -6.31 25.04 20.95
C ASN C 32 -6.25 24.50 19.55
N HIS C 33 -5.07 24.58 18.91
CA HIS C 33 -4.87 24.06 17.57
C HIS C 33 -3.58 23.27 17.57
N GLN C 34 -3.53 22.35 18.52
CA GLN C 34 -2.40 21.49 18.74
C GLN C 34 -2.06 20.66 17.50
N VAL C 35 -3.07 20.21 16.77
CA VAL C 35 -2.85 19.41 15.60
C VAL C 35 -2.07 20.21 14.54
N SER C 36 -2.52 21.43 14.23
CA SER C 36 -1.92 22.20 13.12
C SER C 36 -0.50 22.65 13.49
N ILE C 37 -0.29 22.97 14.77
CA ILE C 37 1.04 23.40 15.27
C ILE C 37 1.98 22.21 15.19
N CYS C 38 1.55 21.09 15.73
CA CYS C 38 2.27 19.83 15.58
C CYS C 38 2.62 19.54 14.15
N ASN C 39 1.61 19.62 13.26
CA ASN C 39 1.85 19.46 11.83
C ASN C 39 2.84 20.48 11.26
N GLN C 40 2.76 21.71 11.73
CA GLN C 40 3.75 22.72 11.36
C GLN C 40 5.17 22.52 11.90
N ILE C 41 5.28 22.00 13.12
CA ILE C 41 6.59 21.66 13.65
C ILE C 41 7.10 20.57 12.79
N ILE C 42 6.24 19.65 12.33
CA ILE C 42 6.69 18.65 11.40
C ILE C 42 7.14 19.26 10.08
N ASP C 43 6.55 20.40 9.70
CA ASP C 43 6.95 21.10 8.49
C ASP C 43 8.36 21.75 8.61
N ALA C 44 8.60 22.48 9.69
CA ALA C 44 9.90 23.07 9.91
C ALA C 44 10.99 21.97 9.93
N ILE C 45 10.73 20.87 10.65
CA ILE C 45 11.67 19.76 10.75
C ILE C 45 11.89 19.12 9.40
N ASN C 46 10.79 18.80 8.69
CA ASN C 46 10.91 18.36 7.33
C ASN C 46 11.55 19.42 6.41
N SER C 47 11.39 20.69 6.70
CA SER C 47 12.04 21.72 5.93
C SER C 47 13.58 21.78 6.30
N GLY C 48 13.98 21.27 7.47
CA GLY C 48 15.38 21.17 7.88
C GLY C 48 15.78 22.47 8.52
N ILE C 49 14.81 23.17 9.07
CA ILE C 49 15.05 24.37 9.86
C ILE C 49 15.55 23.86 11.20
N ASP C 50 16.38 24.67 11.85
CA ASP C 50 17.01 24.24 13.06
C ASP C 50 16.24 24.96 14.09
N LEU C 51 15.50 24.17 14.88
CA LEU C 51 14.72 24.71 15.97
C LEU C 51 15.56 25.23 17.15
N GLY C 52 16.85 24.89 17.20
CA GLY C 52 17.73 25.43 18.24
C GLY C 52 17.31 24.77 19.53
N ASP C 53 17.40 25.50 20.62
CA ASP C 53 17.00 24.95 21.91
C ASP C 53 15.48 24.79 22.09
N LEU C 54 14.67 25.13 21.09
CA LEU C 54 13.26 24.72 21.09
C LEU C 54 13.03 23.38 20.49
N LEU C 55 14.06 22.77 19.90
CA LEU C 55 13.86 21.49 19.21
C LEU C 55 13.20 20.47 20.13
N GLU C 56 13.72 20.34 21.34
CA GLU C 56 13.36 19.26 22.26
C GLU C 56 11.90 19.31 22.69
N GLY C 57 11.42 20.49 23.07
CA GLY C 57 10.04 20.64 23.49
C GLY C 57 9.05 20.59 22.32
N GLY C 58 9.53 21.01 21.15
CA GLY C 58 8.85 20.87 19.92
C GLY C 58 8.55 19.40 19.65
N LEU C 59 9.53 18.54 19.92
CA LEU C 59 9.33 17.12 19.68
C LEU C 59 8.45 16.51 20.80
N LEU C 60 8.66 16.98 22.03
CA LEU C 60 7.83 16.61 23.15
C LEU C 60 6.37 16.85 22.87
N THR C 61 6.09 18.03 22.31
CA THR C 61 4.74 18.48 22.02
C THR C 61 4.10 17.50 21.00
N LEU C 62 4.87 17.14 19.97
CA LEU C 62 4.43 16.04 19.07
C LEU C 62 4.02 14.75 19.82
N CYS C 63 4.90 14.25 20.70
CA CYS C 63 4.61 13.05 21.50
C CYS C 63 3.37 13.14 22.45
N VAL C 64 3.20 14.33 23.01
CA VAL C 64 2.12 14.68 23.92
C VAL C 64 0.75 14.71 23.16
N GLU C 65 0.73 15.33 22.00
CA GLU C 65 -0.51 15.36 21.20
C GLU C 65 -0.80 13.91 20.79
N HIS C 66 0.20 13.21 20.21
CA HIS C 66 -0.06 11.87 19.75
C HIS C 66 -0.53 10.84 20.82
N TYR C 67 0.09 10.85 21.99
CA TYR C 67 -0.15 9.88 23.04
C TYR C 67 -1.14 10.32 24.12
N TYR C 68 -1.30 11.63 24.33
CA TYR C 68 -2.08 12.15 25.45
C TYR C 68 -3.01 13.23 25.02
N ASN C 69 -3.26 13.34 23.71
CA ASN C 69 -4.13 14.36 23.13
C ASN C 69 -3.99 15.76 23.75
N SER C 70 -2.75 16.13 24.09
CA SER C 70 -2.38 17.41 24.67
C SER C 70 -3.08 17.72 26.00
N ASP C 71 -3.67 16.69 26.63
CA ASP C 71 -4.19 16.76 28.01
C ASP C 71 -3.02 16.87 28.99
N LYS C 72 -2.79 18.10 29.51
CA LYS C 72 -1.82 18.42 30.54
C LYS C 72 -1.73 17.37 31.63
N ASP C 73 -2.84 17.21 32.35
CA ASP C 73 -2.86 16.46 33.59
C ASP C 73 -2.46 15.02 33.39
N LYS C 74 -3.15 14.32 32.50
CA LYS C 74 -2.78 12.94 32.08
C LYS C 74 -1.29 12.73 31.73
N PHE C 75 -0.69 13.65 30.98
CA PHE C 75 0.75 13.53 30.62
C PHE C 75 1.65 13.63 31.86
N ASN C 76 1.35 14.65 32.67
CA ASN C 76 2.01 15.03 33.92
C ASN C 76 2.01 13.95 34.97
N THR C 77 1.06 13.00 34.90
CA THR C 77 1.07 11.82 35.79
C THR C 77 1.48 10.53 35.06
N SER C 78 2.05 10.61 33.84
CA SER C 78 2.40 9.40 33.09
C SER C 78 3.76 8.92 33.54
N PRO C 79 4.16 7.69 33.18
CA PRO C 79 5.56 7.29 33.32
C PRO C 79 6.60 8.10 32.49
N ILE C 80 6.18 8.73 31.41
CA ILE C 80 7.07 9.61 30.60
C ILE C 80 7.49 10.85 31.41
N ALA C 81 6.50 11.67 31.81
CA ALA C 81 6.76 12.86 32.63
C ALA C 81 7.61 12.57 33.88
N LYS C 82 7.10 11.71 34.77
CA LYS C 82 7.85 11.27 35.94
C LYS C 82 9.29 11.00 35.58
N TYR C 83 9.53 10.07 34.63
CA TYR C 83 10.88 9.77 34.21
C TYR C 83 11.69 11.03 33.89
N LEU C 84 11.04 12.02 33.27
CA LEU C 84 11.68 13.20 32.79
C LEU C 84 11.98 14.16 33.93
N ARG C 85 11.02 14.37 34.81
CA ARG C 85 11.30 15.07 36.07
C ARG C 85 12.47 14.36 36.79
N ASP C 86 12.31 13.07 37.10
CA ASP C 86 13.36 12.26 37.76
C ASP C 86 14.72 12.36 37.11
N ALA C 87 14.76 12.64 35.82
CA ALA C 87 16.03 12.93 35.16
C ALA C 87 16.38 14.41 35.09
N GLY C 88 15.78 15.27 35.93
CA GLY C 88 16.09 16.73 35.95
C GLY C 88 15.27 17.71 35.12
N TYR C 89 14.34 17.25 34.27
CA TYR C 89 13.67 18.23 33.39
C TYR C 89 12.62 19.01 34.15
N GLU C 90 12.71 20.34 34.06
CA GLU C 90 11.58 21.21 34.34
C GLU C 90 10.87 21.40 32.99
N PHE C 91 9.53 21.36 33.01
CA PHE C 91 8.71 21.74 31.87
C PHE C 91 8.29 23.18 32.08
N ASP C 92 8.01 23.88 30.98
CA ASP C 92 7.46 25.21 31.04
C ASP C 92 6.39 25.44 29.98
N VAL C 93 5.19 25.75 30.46
CA VAL C 93 4.01 25.82 29.62
C VAL C 93 3.86 27.26 29.16
N ILE C 94 3.84 27.45 27.85
CA ILE C 94 3.33 28.69 27.27
C ILE C 94 1.93 28.38 26.71
N LYS C 95 0.93 28.99 27.34
CA LYS C 95 -0.42 28.95 26.84
C LYS C 95 -0.57 30.04 25.80
N ASN C 96 -0.99 29.64 24.61
CA ASN C 96 -1.51 30.56 23.61
C ASN C 96 -2.74 29.92 23.02
N ALA C 97 -3.84 30.00 23.78
CA ALA C 97 -5.07 29.28 23.47
C ALA C 97 -5.60 29.61 22.07
N ASP C 98 -5.43 30.89 21.68
CA ASP C 98 -5.81 31.44 20.38
C ASP C 98 -4.94 31.01 19.18
N ALA C 99 -3.61 31.01 19.34
CA ALA C 99 -2.68 30.96 18.21
C ALA C 99 -2.94 29.84 17.19
N THR C 100 -2.66 30.16 15.92
CA THR C 100 -2.94 29.33 14.72
C THR C 100 -1.75 28.49 14.28
N ARG C 101 -0.59 29.14 14.33
CA ARG C 101 0.66 28.75 13.71
C ARG C 101 1.71 28.47 14.77
N PHE C 102 2.69 27.66 14.38
CA PHE C 102 3.91 27.44 15.14
C PHE C 102 4.69 28.78 15.31
N LEU C 103 4.69 29.62 14.28
CA LEU C 103 5.21 31.00 14.34
C LEU C 103 4.80 31.77 15.58
N ASP C 104 3.53 31.64 15.95
CA ASP C 104 2.92 32.45 16.99
C ASP C 104 3.33 32.10 18.41
N VAL C 105 4.00 30.99 18.61
CA VAL C 105 4.39 30.57 19.95
C VAL C 105 5.90 30.53 20.12
N ILE C 106 6.65 31.10 19.16
CA ILE C 106 8.12 31.26 19.26
C ILE C 106 8.33 32.59 19.99
N PRO C 107 8.93 32.56 21.21
CA PRO C 107 9.06 33.71 22.10
C PRO C 107 9.72 34.91 21.52
N ASN C 108 9.32 36.09 21.98
CA ASN C 108 9.92 37.34 21.52
C ASN C 108 11.26 37.53 22.22
N GLU C 109 12.29 36.87 21.68
CA GLU C 109 13.65 36.97 22.21
C GLU C 109 14.66 36.96 21.06
N PRO C 110 15.49 38.01 20.95
CA PRO C 110 16.32 38.25 19.76
C PRO C 110 16.89 36.96 19.14
N HIS C 111 17.70 36.21 19.87
CA HIS C 111 18.29 34.96 19.32
C HIS C 111 17.33 33.96 18.62
N TYR C 112 16.01 34.10 18.79
CA TYR C 112 15.05 33.31 17.96
C TYR C 112 14.65 33.94 16.60
N SER C 113 15.28 35.06 16.22
CA SER C 113 14.97 35.83 15.00
C SER C 113 15.29 35.11 13.67
N PRO C 114 16.42 34.41 13.58
CA PRO C 114 16.67 33.65 12.36
C PRO C 114 15.69 32.49 12.27
N LEU C 115 15.36 31.87 13.40
CA LEU C 115 14.38 30.81 13.35
C LEU C 115 13.07 31.42 12.83
N ILE C 116 12.78 32.67 13.21
CA ILE C 116 11.52 33.34 12.84
C ILE C 116 11.47 33.70 11.35
N LEU C 117 12.55 34.34 10.89
CA LEU C 117 12.86 34.49 9.48
C LEU C 117 12.49 33.22 8.68
N ALA C 118 12.97 32.07 9.11
CA ALA C 118 12.78 30.83 8.39
C ALA C 118 11.37 30.23 8.52
N LEU C 119 10.70 30.48 9.65
CA LEU C 119 9.32 30.05 9.77
C LEU C 119 8.35 30.90 8.88
N LYS C 120 8.58 32.20 8.91
CA LYS C 120 7.98 33.14 8.01
C LYS C 120 7.75 32.73 6.53
N THR C 121 8.65 31.93 5.94
CA THR C 121 8.64 31.64 4.52
C THR C 121 8.52 30.18 4.22
N LEU C 122 8.19 29.40 5.26
CA LEU C 122 8.08 27.95 5.18
C LEU C 122 6.80 27.57 4.40
N GLU C 123 6.88 26.50 3.59
CA GLU C 123 5.73 25.74 3.13
C GLU C 123 4.97 24.94 4.21
N SER C 124 3.64 25.04 4.21
CA SER C 124 2.77 24.42 5.26
C SER C 124 1.49 24.04 4.59
N THR C 125 1.09 22.79 4.74
CA THR C 125 -0.08 22.28 4.05
C THR C 125 -0.99 21.69 5.11
N GLU C 126 -2.25 22.14 5.14
CA GLU C 126 -3.25 21.60 6.10
C GLU C 126 -3.22 20.05 6.07
N SER C 127 -2.89 19.40 7.18
CA SER C 127 -3.08 17.95 7.25
C SER C 127 -3.80 17.61 8.49
N GLN C 128 -4.19 16.35 8.59
CA GLN C 128 -4.90 15.77 9.70
C GLN C 128 -3.95 15.18 10.75
N ARG C 129 -4.50 14.67 11.84
CA ARG C 129 -3.69 14.39 13.01
C ARG C 129 -2.84 13.13 12.89
N GLY C 130 -3.28 12.15 12.11
CA GLY C 130 -2.51 10.92 11.90
C GLY C 130 -1.08 11.02 11.31
N ARG C 131 -0.77 12.13 10.64
CA ARG C 131 0.57 12.50 10.14
C ARG C 131 1.62 12.58 11.26
N ILE C 132 1.17 12.75 12.49
CA ILE C 132 2.09 12.84 13.60
C ILE C 132 2.68 11.50 13.98
N GLY C 133 1.89 10.43 13.95
CA GLY C 133 2.43 9.16 14.30
C GLY C 133 2.95 8.42 13.10
N LEU C 134 2.40 8.77 11.95
CA LEU C 134 3.07 8.43 10.73
C LEU C 134 4.54 8.92 10.87
N PHE C 135 4.72 10.20 11.11
CA PHE C 135 6.01 10.74 11.48
C PHE C 135 6.81 10.02 12.59
N LEU C 136 6.17 9.85 13.75
CA LEU C 136 6.88 9.28 14.86
C LEU C 136 7.19 7.86 14.57
N SER C 137 6.30 7.18 13.84
CA SER C 137 6.64 5.81 13.46
C SER C 137 7.83 5.84 12.55
N PHE C 138 7.85 6.74 11.60
CA PHE C 138 9.02 6.96 10.70
C PHE C 138 10.37 7.17 11.42
N CYS C 139 10.46 8.15 12.30
CA CYS C 139 11.64 8.30 13.23
C CYS C 139 12.12 6.99 13.80
N SER C 140 11.14 6.18 14.24
CA SER C 140 11.43 4.91 14.86
C SER C 140 12.22 3.94 13.99
N LEU C 141 12.29 4.11 12.67
CA LEU C 141 13.03 3.16 11.83
C LEU C 141 14.52 3.41 11.86
N PHE C 142 14.93 4.58 12.36
CA PHE C 142 16.34 4.88 12.44
C PHE C 142 16.93 4.21 13.69
N LEU C 143 16.11 3.88 14.67
CA LEU C 143 16.66 3.42 15.95
C LEU C 143 17.62 2.24 15.98
N PRO C 144 17.38 1.21 15.16
CA PRO C 144 18.18 -0.01 15.33
C PRO C 144 19.65 0.09 14.94
N LYS C 145 19.98 0.88 13.92
CA LYS C 145 21.37 1.13 13.63
C LYS C 145 21.79 2.57 14.02
N LEU C 146 20.96 3.28 14.80
CA LEU C 146 21.26 4.68 15.16
C LEU C 146 22.72 4.83 15.65
N VAL C 147 23.18 4.00 16.59
CA VAL C 147 24.53 4.10 17.15
C VAL C 147 25.69 3.80 16.21
N VAL C 148 25.38 2.99 15.21
CA VAL C 148 26.30 2.59 14.18
C VAL C 148 26.64 3.76 13.22
N GLY C 149 25.77 4.78 13.08
CA GLY C 149 26.07 5.89 12.15
C GLY C 149 24.99 6.07 11.10
N ASP C 150 25.07 7.16 10.37
CA ASP C 150 23.97 7.63 9.53
C ASP C 150 23.63 6.77 8.28
N ARG C 151 24.64 6.23 7.60
CA ARG C 151 24.43 5.32 6.47
C ARG C 151 23.77 4.04 6.97
N ALA C 152 24.33 3.41 7.99
CA ALA C 152 23.80 2.13 8.51
C ALA C 152 22.38 2.26 9.07
N SER C 153 22.14 3.30 9.88
CA SER C 153 20.76 3.70 10.25
C SER C 153 19.75 3.81 9.10
N ILE C 154 20.11 4.57 8.08
CA ILE C 154 19.20 4.94 6.98
C ILE C 154 18.90 3.71 6.08
N GLU C 155 19.94 3.02 5.65
CA GLU C 155 19.78 1.78 4.87
C GLU C 155 19.01 0.67 5.58
N LYS C 156 19.28 0.48 6.88
CA LYS C 156 18.38 -0.29 7.72
C LYS C 156 16.93 0.23 7.74
N ALA C 157 16.73 1.52 7.88
CA ALA C 157 15.36 2.07 7.92
C ALA C 157 14.57 1.84 6.62
N LEU C 158 15.21 2.07 5.48
CA LEU C 158 14.56 1.94 4.17
C LEU C 158 14.25 0.47 3.82
N ARG C 159 15.14 -0.45 4.24
CA ARG C 159 14.93 -1.89 4.11
C ARG C 159 13.74 -2.32 4.91
N GLN C 160 13.61 -1.72 6.09
CA GLN C 160 12.51 -1.97 7.00
C GLN C 160 11.27 -1.37 6.40
N VAL C 161 11.40 -0.25 5.68
CA VAL C 161 10.22 0.41 5.05
C VAL C 161 9.62 -0.54 3.99
N THR C 162 10.52 -1.23 3.28
CA THR C 162 10.17 -2.16 2.20
C THR C 162 9.40 -3.32 2.82
N VAL C 163 9.91 -3.83 3.93
CA VAL C 163 9.26 -4.93 4.62
C VAL C 163 7.88 -4.48 5.10
N HIS C 164 7.78 -3.28 5.68
CA HIS C 164 6.48 -2.80 6.14
C HIS C 164 5.57 -2.49 5.00
N GLN C 165 6.08 -1.96 3.90
CA GLN C 165 5.16 -1.38 2.90
C GLN C 165 4.43 -2.51 2.14
N GLU C 166 5.13 -3.62 1.96
CA GLU C 166 4.58 -4.85 1.42
C GLU C 166 3.85 -5.72 2.47
N GLN C 167 4.05 -5.50 3.77
CA GLN C 167 3.11 -6.04 4.78
C GLN C 167 1.80 -5.27 4.59
N GLY C 168 1.93 -4.03 4.12
CA GLY C 168 0.80 -3.14 3.94
C GLY C 168 0.38 -2.51 5.26
N ILE C 169 1.20 -2.68 6.32
CA ILE C 169 0.97 -1.97 7.65
C ILE C 169 1.02 -0.43 7.55
N VAL C 170 1.71 0.08 6.55
CA VAL C 170 1.93 1.53 6.40
C VAL C 170 2.42 1.81 4.98
N THR C 171 2.13 3.03 4.53
CA THR C 171 2.73 3.61 3.34
C THR C 171 3.13 5.07 3.65
N TYR C 172 4.40 5.41 3.35
CA TYR C 172 5.00 6.71 3.67
C TYR C 172 5.02 7.59 2.47
N PRO C 173 4.92 8.93 2.69
CA PRO C 173 4.98 9.79 1.54
C PRO C 173 6.40 9.69 0.92
N ASN C 174 6.42 9.69 -0.40
CA ASN C 174 7.52 9.12 -1.13
C ASN C 174 8.81 9.96 -1.05
N HIS C 175 8.66 11.25 -0.77
CA HIS C 175 9.76 12.20 -0.56
C HIS C 175 10.45 12.17 0.82
N TRP C 176 9.93 11.33 1.71
CA TRP C 176 10.47 11.12 3.00
C TRP C 176 11.59 10.18 2.87
N LEU C 177 11.58 9.42 1.77
CA LEU C 177 12.43 8.27 1.57
C LEU C 177 13.72 8.64 0.78
N THR C 178 13.93 9.92 0.52
CA THR C 178 15.19 10.32 -0.07
C THR C 178 16.24 10.43 1.05
N THR C 179 17.47 10.05 0.70
CA THR C 179 18.62 10.24 1.55
C THR C 179 18.65 11.59 2.22
N GLY C 180 18.40 12.65 1.47
CA GLY C 180 18.46 14.03 1.99
C GLY C 180 17.48 14.31 3.08
N HIS C 181 16.37 13.55 3.07
CA HIS C 181 15.37 13.66 4.12
C HIS C 181 15.71 12.84 5.28
N MET C 182 15.96 11.58 5.04
CA MET C 182 16.30 10.67 6.08
C MET C 182 17.55 11.12 6.90
N LYS C 183 18.52 11.76 6.25
CA LYS C 183 19.68 12.34 6.98
C LYS C 183 19.26 13.36 7.97
N VAL C 184 18.33 14.21 7.58
CA VAL C 184 17.79 15.18 8.48
C VAL C 184 17.08 14.45 9.63
N ILE C 185 16.34 13.37 9.35
CA ILE C 185 15.57 12.75 10.42
C ILE C 185 16.53 12.10 11.42
N PHE C 186 17.58 11.47 10.93
CA PHE C 186 18.68 10.95 11.73
C PHE C 186 19.15 12.02 12.71
N GLY C 187 19.49 13.16 12.15
CA GLY C 187 20.01 14.20 12.98
C GLY C 187 19.10 14.63 14.09
N ILE C 188 17.79 14.59 13.84
CA ILE C 188 16.79 15.03 14.85
C ILE C 188 16.81 14.08 16.02
N LEU C 189 16.76 12.78 15.71
CA LEU C 189 16.94 11.66 16.67
C LEU C 189 18.23 11.62 17.46
N ARG C 190 19.35 11.79 16.79
CA ARG C 190 20.61 11.96 17.47
C ARG C 190 20.55 13.21 18.37
N SER C 191 19.88 14.29 17.99
CA SER C 191 19.91 15.52 18.80
C SER C 191 19.06 15.52 20.06
N SER C 192 18.02 14.70 20.11
CA SER C 192 16.98 14.89 21.09
C SER C 192 16.80 13.64 21.92
N PHE C 193 16.84 13.82 23.25
CA PHE C 193 16.69 12.73 24.21
C PHE C 193 15.23 12.36 24.43
N ILE C 194 14.41 13.39 24.49
CA ILE C 194 13.06 13.23 24.69
C ILE C 194 12.45 12.32 23.60
N LEU C 195 12.69 12.61 22.32
CA LEU C 195 12.15 11.79 21.23
C LEU C 195 12.57 10.36 21.32
N LYS C 196 13.84 10.13 21.62
CA LYS C 196 14.31 8.78 21.63
C LYS C 196 13.70 8.03 22.79
N PHE C 197 13.56 8.73 23.91
CA PHE C 197 13.21 8.09 25.16
C PHE C 197 11.79 7.57 24.95
N VAL C 198 10.91 8.46 24.50
CA VAL C 198 9.53 8.11 24.32
C VAL C 198 9.35 6.96 23.38
N LEU C 199 9.99 7.00 22.24
CA LEU C 199 9.84 5.92 21.32
C LEU C 199 10.26 4.57 21.94
N ILE C 200 11.34 4.54 22.73
CA ILE C 200 11.87 3.30 23.27
C ILE C 200 10.99 2.90 24.37
N HIS C 201 10.42 3.91 25.03
CA HIS C 201 9.47 3.67 26.07
C HIS C 201 8.22 2.98 25.60
N GLN C 202 7.65 3.55 24.56
CA GLN C 202 6.35 3.09 24.12
C GLN C 202 6.58 1.76 23.46
N GLY C 203 7.73 1.60 22.83
CA GLY C 203 8.05 0.35 22.12
C GLY C 203 8.16 -0.87 23.02
N VAL C 204 8.69 -0.63 24.24
CA VAL C 204 8.76 -1.57 25.34
C VAL C 204 7.44 -1.66 26.15
N ASN C 205 6.81 -0.53 26.48
CA ASN C 205 5.54 -0.50 27.26
C ASN C 205 4.33 -0.38 26.37
N LEU C 206 4.32 -1.18 25.32
CA LEU C 206 3.10 -1.59 24.67
C LEU C 206 3.26 -3.06 24.29
N VAL C 207 2.74 -3.91 25.18
CA VAL C 207 2.29 -5.26 24.83
C VAL C 207 0.74 -5.26 24.61
N THR C 208 0.06 -4.14 24.87
CA THR C 208 -1.41 -4.04 24.67
C THR C 208 -1.77 -4.12 23.18
N GLY C 209 -3.04 -3.95 22.86
CA GLY C 209 -3.50 -3.85 21.49
C GLY C 209 -2.82 -2.67 20.81
N HIS C 210 -2.00 -3.02 19.82
CA HIS C 210 -1.21 -2.07 19.08
C HIS C 210 -1.99 -1.60 17.87
N ASP C 211 -2.20 -0.29 17.74
CA ASP C 211 -2.39 0.30 16.44
C ASP C 211 -1.13 0.17 15.51
N ALA C 212 -1.33 0.52 14.24
CA ALA C 212 -0.32 0.33 13.20
C ALA C 212 1.04 0.95 13.55
N TYR C 213 0.98 2.18 14.03
CA TYR C 213 2.19 2.91 14.45
C TYR C 213 2.86 2.32 15.67
N ASP C 214 2.03 2.01 16.70
CA ASP C 214 2.64 1.48 17.89
C ASP C 214 3.33 0.13 17.55
N SER C 215 2.80 -0.61 16.57
CA SER C 215 3.43 -1.92 16.29
C SER C 215 4.73 -1.76 15.44
N ILE C 216 4.75 -0.82 14.52
CA ILE C 216 6.00 -0.39 13.87
C ILE C 216 7.04 0.08 14.94
N ILE C 217 6.65 1.05 15.75
CA ILE C 217 7.56 1.47 16.87
C ILE C 217 8.08 0.35 17.69
N SER C 218 7.15 -0.52 18.16
CA SER C 218 7.53 -1.59 19.07
C SER C 218 8.49 -2.56 18.37
N ASN C 219 8.26 -2.73 17.06
CA ASN C 219 9.06 -3.62 16.25
C ASN C 219 10.45 -3.03 16.08
N SER C 220 10.49 -1.78 15.64
CA SER C 220 11.77 -1.05 15.53
C SER C 220 12.59 -1.15 16.86
N VAL C 221 11.90 -1.10 17.99
CA VAL C 221 12.56 -1.19 19.32
C VAL C 221 13.09 -2.57 19.74
N GLY C 222 12.35 -3.64 19.35
CA GLY C 222 12.79 -4.98 19.62
C GLY C 222 14.13 -5.20 18.93
N GLN C 223 14.15 -4.76 17.69
CA GLN C 223 15.33 -4.80 16.90
C GLN C 223 16.50 -3.97 17.46
N THR C 224 16.21 -2.95 18.26
CA THR C 224 17.24 -2.06 18.86
C THR C 224 17.72 -2.54 20.25
N ARG C 225 17.17 -3.66 20.73
CA ARG C 225 17.51 -4.17 22.06
C ARG C 225 18.98 -4.61 22.09
N PHE C 226 19.73 -4.07 23.06
CA PHE C 226 21.16 -4.32 23.19
C PHE C 226 22.02 -3.89 22.02
N SER C 227 21.53 -2.89 21.26
CA SER C 227 22.30 -2.24 20.22
C SER C 227 23.59 -1.74 20.81
N GLY C 228 24.71 -2.23 20.34
CA GLY C 228 26.00 -1.78 20.92
C GLY C 228 26.41 -2.41 22.25
N LEU C 229 25.76 -3.54 22.62
CA LEU C 229 26.02 -4.26 23.89
C LEU C 229 25.86 -5.79 23.78
N LEU C 230 25.82 -6.33 22.57
CA LEU C 230 25.66 -7.77 22.38
C LEU C 230 26.95 -8.46 22.76
N ILE C 231 28.07 -8.05 22.18
CA ILE C 231 29.35 -8.72 22.54
C ILE C 231 29.48 -8.77 24.07
N VAL C 232 29.31 -7.62 24.73
CA VAL C 232 29.31 -7.58 26.20
C VAL C 232 28.23 -8.44 26.89
N LYS C 233 27.02 -8.47 26.38
CA LYS C 233 26.00 -9.39 26.90
C LYS C 233 26.44 -10.86 26.72
N THR C 234 27.07 -11.15 25.62
CA THR C 234 27.48 -12.50 25.36
C THR C 234 28.71 -12.89 26.16
N VAL C 235 29.67 -11.97 26.40
CA VAL C 235 30.82 -12.32 27.27
C VAL C 235 30.21 -12.71 28.60
N LEU C 236 29.29 -11.86 29.05
CA LEU C 236 28.56 -12.13 30.30
C LEU C 236 27.94 -13.54 30.35
N GLU C 237 27.28 -13.95 29.27
CA GLU C 237 26.63 -15.30 29.26
C GLU C 237 27.65 -16.43 29.44
N PHE C 238 28.77 -16.30 28.78
CA PHE C 238 29.74 -17.42 28.76
C PHE C 238 30.72 -17.47 29.93
N ILE C 239 30.60 -16.50 30.86
CA ILE C 239 31.17 -16.55 32.21
C ILE C 239 30.21 -16.99 33.31
N LEU C 240 28.91 -17.11 33.01
CA LEU C 240 27.97 -17.74 33.94
C LEU C 240 27.94 -19.30 33.88
N GLN C 241 27.43 -19.90 34.96
CA GLN C 241 27.22 -21.35 35.08
C GLN C 241 25.97 -21.65 35.86
N LYS C 242 25.21 -22.64 35.41
CA LYS C 242 24.11 -23.20 36.20
C LYS C 242 24.66 -24.08 37.33
N THR C 243 24.27 -23.78 38.57
CA THR C 243 24.26 -24.79 39.62
C THR C 243 22.79 -25.13 39.78
N ASP C 244 22.46 -25.98 40.75
CA ASP C 244 21.05 -26.32 41.03
C ASP C 244 20.36 -25.23 41.88
N SER C 245 20.96 -24.86 43.03
CA SER C 245 20.40 -23.81 43.91
C SER C 245 20.35 -22.38 43.29
N GLY C 246 21.07 -22.14 42.19
CA GLY C 246 20.91 -20.91 41.40
C GLY C 246 21.86 -20.78 40.21
N VAL C 247 22.63 -19.68 40.18
CA VAL C 247 23.53 -19.35 39.06
C VAL C 247 24.82 -18.73 39.59
N THR C 248 25.94 -19.00 38.92
CA THR C 248 27.24 -18.61 39.46
C THR C 248 28.22 -18.26 38.37
N LEU C 249 29.28 -17.59 38.78
CA LEU C 249 30.34 -17.23 37.89
C LEU C 249 31.30 -18.42 37.71
N HIS C 250 31.83 -18.59 36.52
CA HIS C 250 32.79 -19.68 36.25
C HIS C 250 33.97 -19.55 37.24
N PRO C 251 34.60 -20.65 37.66
CA PRO C 251 35.66 -20.56 38.68
C PRO C 251 36.99 -19.88 38.35
N LEU C 252 37.47 -20.06 37.11
CA LEU C 252 38.54 -19.22 36.59
C LEU C 252 38.21 -17.71 36.80
N VAL C 253 36.92 -17.34 36.74
CA VAL C 253 36.50 -15.96 37.00
C VAL C 253 36.86 -15.55 38.42
N ARG C 254 36.59 -16.44 39.38
CA ARG C 254 36.84 -16.22 40.79
C ARG C 254 38.28 -16.45 41.33
N THR C 255 39.30 -16.24 40.48
CA THR C 255 40.70 -16.40 40.89
C THR C 255 41.29 -15.05 41.22
N SER C 256 42.45 -15.06 41.88
CA SER C 256 43.12 -13.80 42.25
C SER C 256 43.61 -12.96 41.04
N LYS C 257 43.82 -13.60 39.89
CA LYS C 257 44.38 -12.95 38.70
C LYS C 257 43.32 -12.15 37.92
N VAL C 258 42.09 -12.67 37.94
CA VAL C 258 40.93 -12.08 37.29
C VAL C 258 40.18 -11.08 38.19
N LYS C 259 40.52 -11.01 39.47
CA LYS C 259 39.75 -10.23 40.48
C LYS C 259 39.34 -8.82 40.06
N ASN C 260 40.31 -8.05 39.58
CA ASN C 260 40.10 -6.64 39.33
C ASN C 260 39.06 -6.48 38.23
N GLU C 261 39.30 -7.17 37.11
CA GLU C 261 38.28 -7.28 36.05
C GLU C 261 36.86 -7.59 36.45
N VAL C 262 36.69 -8.53 37.36
CA VAL C 262 35.35 -8.89 37.90
C VAL C 262 34.79 -7.69 38.69
N ALA C 263 35.64 -7.09 39.52
CA ALA C 263 35.21 -5.91 40.28
C ALA C 263 34.73 -4.79 39.34
N SER C 264 35.50 -4.49 38.28
CA SER C 264 35.10 -3.44 37.30
C SER C 264 33.86 -3.79 36.50
N PHE C 265 33.81 -5.03 36.01
CA PHE C 265 32.63 -5.48 35.23
C PHE C 265 31.31 -5.33 35.95
N LYS C 266 31.29 -5.81 37.19
CA LYS C 266 30.14 -5.69 38.11
C LYS C 266 29.63 -4.29 38.46
N GLN C 267 30.56 -3.38 38.74
CA GLN C 267 30.24 -1.96 38.92
C GLN C 267 29.58 -1.38 37.68
N ALA C 268 30.16 -1.67 36.53
CA ALA C 268 29.62 -1.27 35.24
C ALA C 268 28.26 -1.87 34.91
N LEU C 269 28.09 -3.12 35.30
CA LEU C 269 26.85 -3.80 35.06
C LEU C 269 25.81 -3.21 35.99
N SER C 270 26.24 -2.81 37.21
CA SER C 270 25.33 -2.21 38.18
C SER C 270 24.82 -0.83 37.77
N ASN C 271 25.69 -0.05 37.16
CA ASN C 271 25.27 1.20 36.48
C ASN C 271 24.23 0.95 35.38
N LEU C 272 24.56 -0.02 34.52
CA LEU C 272 23.65 -0.37 33.43
C LEU C 272 22.35 -0.71 34.09
N ALA C 273 22.39 -1.54 35.13
CA ALA C 273 21.14 -2.04 35.72
C ALA C 273 20.30 -1.07 36.53
N ARG C 274 20.86 0.02 37.05
CA ARG C 274 19.96 1.13 37.56
C ARG C 274 19.06 1.77 36.48
N HIS C 275 19.38 1.57 35.23
CA HIS C 275 18.54 2.07 34.13
C HIS C 275 17.34 1.17 33.83
N GLY C 276 17.23 0.06 34.54
CA GLY C 276 15.98 -0.64 34.64
C GLY C 276 15.68 -1.29 33.30
N GLU C 277 14.43 -1.13 32.91
CA GLU C 277 14.02 -1.54 31.57
C GLU C 277 14.78 -0.87 30.43
N TYR C 278 15.31 0.33 30.67
CA TYR C 278 15.96 1.03 29.58
C TYR C 278 17.37 0.51 29.34
N ALA C 279 17.95 -0.20 30.30
CA ALA C 279 19.30 -0.76 30.13
C ALA C 279 19.61 -1.41 28.74
N PRO C 280 18.64 -2.13 28.14
CA PRO C 280 18.97 -2.69 26.82
C PRO C 280 19.21 -1.64 25.73
N PHE C 281 18.70 -0.42 25.97
CA PHE C 281 18.81 0.74 25.10
C PHE C 281 19.77 1.82 25.57
N ALA C 282 20.75 1.41 26.39
CA ALA C 282 21.53 2.37 27.12
C ALA C 282 22.52 3.04 26.22
N ARG C 283 23.02 2.33 25.23
CA ARG C 283 23.85 2.96 24.21
C ARG C 283 23.02 3.77 23.17
N VAL C 284 21.77 3.40 22.86
CA VAL C 284 20.93 4.28 21.99
C VAL C 284 20.67 5.54 22.71
N LEU C 285 20.42 5.40 23.99
CA LEU C 285 19.89 6.53 24.74
C LEU C 285 20.94 7.46 25.31
N ASN C 286 22.22 7.10 25.26
CA ASN C 286 23.25 7.85 25.95
C ASN C 286 23.02 7.98 27.45
N LEU C 287 22.56 6.89 28.07
CA LEU C 287 22.33 6.84 29.50
C LEU C 287 23.63 6.73 30.26
N SER C 288 23.60 7.05 31.54
CA SER C 288 24.86 7.26 32.26
C SER C 288 25.48 5.98 32.77
N GLY C 289 26.79 5.95 32.91
CA GLY C 289 27.46 4.91 33.66
C GLY C 289 27.93 3.71 32.86
N ILE C 290 27.93 3.80 31.52
CA ILE C 290 28.13 2.62 30.65
C ILE C 290 29.39 2.65 29.83
N ASN C 291 30.28 3.56 30.18
CA ASN C 291 31.41 3.86 29.38
C ASN C 291 32.41 2.75 29.52
N ASN C 292 32.43 2.08 30.66
CA ASN C 292 33.34 0.96 30.86
C ASN C 292 32.73 -0.42 30.43
N LEU C 293 31.59 -0.42 29.72
CA LEU C 293 30.95 -1.65 29.21
C LEU C 293 31.33 -1.96 27.76
N GLU C 294 32.61 -2.30 27.59
CA GLU C 294 33.33 -2.48 26.33
C GLU C 294 34.16 -3.74 26.55
N HIS C 295 34.02 -4.74 25.67
CA HIS C 295 34.54 -6.04 25.92
C HIS C 295 36.06 -6.01 25.97
N GLY C 296 36.67 -5.16 25.14
CA GLY C 296 38.13 -4.96 25.09
C GLY C 296 38.77 -4.71 26.42
N LEU C 297 38.08 -3.96 27.28
CA LEU C 297 38.54 -3.70 28.65
C LEU C 297 38.51 -4.93 29.60
N TYR C 298 37.99 -6.08 29.17
CA TYR C 298 37.98 -7.28 29.96
C TYR C 298 38.68 -8.44 29.24
N PRO C 299 40.02 -8.34 29.07
CA PRO C 299 40.69 -9.40 28.34
C PRO C 299 40.55 -10.79 28.99
N GLN C 300 40.69 -10.89 30.31
CA GLN C 300 40.60 -12.19 31.01
C GLN C 300 39.19 -12.80 30.98
N LEU C 301 38.16 -11.96 31.12
CA LEU C 301 36.77 -12.37 30.97
C LEU C 301 36.38 -12.65 29.57
N SER C 302 36.99 -11.92 28.63
CA SER C 302 36.76 -12.22 27.21
C SER C 302 37.32 -13.61 26.98
N ALA C 303 38.60 -13.77 27.32
CA ALA C 303 39.35 -15.05 27.26
C ALA C 303 38.56 -16.28 27.73
N ILE C 304 38.18 -16.28 28.99
CA ILE C 304 37.38 -17.35 29.59
C ILE C 304 36.11 -17.63 28.81
N ALA C 305 35.48 -16.55 28.33
CA ALA C 305 34.24 -16.72 27.61
C ALA C 305 34.48 -17.47 26.30
N LEU C 306 35.61 -17.21 25.64
CA LEU C 306 35.89 -17.93 24.37
C LEU C 306 36.32 -19.40 24.59
N GLY C 307 37.17 -19.65 25.61
CA GLY C 307 37.37 -21.01 26.09
C GLY C 307 36.04 -21.75 26.20
N VAL C 308 35.05 -21.12 26.83
CA VAL C 308 33.77 -21.78 27.14
C VAL C 308 32.95 -21.97 25.90
N ALA C 309 32.84 -20.93 25.08
CA ALA C 309 32.09 -20.96 23.83
C ALA C 309 32.72 -21.88 22.75
N THR C 310 34.03 -21.80 22.61
CA THR C 310 34.78 -22.69 21.72
C THR C 310 34.77 -24.15 22.23
N ALA C 311 34.40 -24.37 23.49
CA ALA C 311 34.11 -25.70 24.05
C ALA C 311 32.69 -26.19 23.78
N HIS C 312 31.84 -25.35 23.19
CA HIS C 312 30.47 -25.75 22.90
C HIS C 312 30.58 -25.41 21.43
N GLY C 313 29.45 -25.18 20.79
CA GLY C 313 29.46 -24.58 19.47
C GLY C 313 29.75 -23.20 18.99
N SER C 314 28.96 -22.24 19.49
CA SER C 314 29.05 -20.84 19.09
C SER C 314 30.46 -20.26 19.22
N THR C 315 30.80 -19.38 18.28
CA THR C 315 31.87 -18.40 18.46
C THR C 315 31.30 -17.07 18.83
N LEU C 316 31.98 -16.38 19.74
CA LEU C 316 31.57 -15.05 20.14
C LEU C 316 32.02 -14.07 19.08
N ALA C 317 31.03 -13.54 18.35
CA ALA C 317 31.25 -12.51 17.35
C ALA C 317 32.09 -11.38 17.92
N GLY C 318 33.05 -10.90 17.13
CA GLY C 318 33.96 -9.82 17.54
C GLY C 318 34.77 -10.04 18.82
N VAL C 319 34.96 -11.30 19.23
CA VAL C 319 35.74 -11.63 20.42
C VAL C 319 36.99 -12.39 19.95
N ASN C 320 38.04 -11.62 19.75
CA ASN C 320 39.27 -12.13 19.20
C ASN C 320 40.26 -12.06 20.34
N VAL C 321 41.17 -13.03 20.38
CA VAL C 321 42.05 -13.24 21.53
C VAL C 321 43.47 -13.36 20.99
N GLY C 322 44.43 -12.96 21.80
CA GLY C 322 45.83 -12.91 21.32
C GLY C 322 46.82 -12.74 22.45
N GLU C 323 48.04 -13.20 22.23
CA GLU C 323 49.17 -12.89 23.10
C GLU C 323 48.95 -13.48 24.54
N GLN C 324 48.81 -12.63 25.57
CA GLN C 324 48.86 -13.07 26.97
C GLN C 324 47.83 -14.15 27.29
N TYR C 325 46.63 -14.01 26.73
CA TYR C 325 45.43 -14.65 27.29
C TYR C 325 45.03 -15.99 26.68
N GLN C 326 45.86 -16.52 25.78
CA GLN C 326 45.61 -17.80 25.07
C GLN C 326 45.56 -19.05 25.97
N GLN C 327 46.40 -19.07 27.01
CA GLN C 327 46.48 -20.19 27.97
C GLN C 327 45.24 -20.20 28.87
N LEU C 328 44.76 -19.00 29.19
CA LEU C 328 43.48 -18.82 29.89
C LEU C 328 42.29 -19.29 29.05
N ARG C 329 42.29 -18.93 27.78
CA ARG C 329 41.34 -19.46 26.78
C ARG C 329 41.42 -20.99 26.64
N GLU C 330 42.65 -21.50 26.62
CA GLU C 330 42.94 -22.94 26.56
C GLU C 330 42.46 -23.64 27.84
N ALA C 331 42.71 -23.02 28.99
CA ALA C 331 42.31 -23.59 30.28
C ALA C 331 40.80 -23.53 30.55
N ALA C 332 40.13 -22.47 30.08
CA ALA C 332 38.66 -22.35 30.18
C ALA C 332 37.98 -23.42 29.36
N HIS C 333 38.53 -23.65 28.15
CA HIS C 333 38.04 -24.65 27.20
C HIS C 333 37.99 -26.04 27.85
N ASP C 334 39.04 -26.41 28.59
CA ASP C 334 39.16 -27.78 29.12
C ASP C 334 38.30 -28.07 30.33
N ALA C 335 38.17 -27.10 31.24
CA ALA C 335 37.24 -27.22 32.38
C ALA C 335 35.79 -27.47 31.90
N GLU C 336 35.38 -26.73 30.87
CA GLU C 336 34.05 -26.84 30.29
C GLU C 336 33.88 -28.13 29.47
N VAL C 337 34.94 -28.57 28.77
CA VAL C 337 34.97 -29.90 28.11
C VAL C 337 34.98 -31.02 29.16
N LYS C 338 35.73 -30.80 30.24
CA LYS C 338 35.85 -31.74 31.36
C LYS C 338 34.55 -31.96 32.17
N LEU C 339 33.59 -31.02 32.13
CA LEU C 339 32.37 -31.08 32.99
C LEU C 339 31.15 -31.84 32.40
N GLN C 340 31.41 -33.04 31.85
CA GLN C 340 30.36 -33.93 31.34
C GLN C 340 30.65 -35.43 31.64
N ARG C 341 30.75 -35.86 32.90
CA ARG C 341 30.65 -35.03 34.12
C ARG C 341 31.30 -35.70 35.33
N TRP D 2 24.55 -26.75 26.61
CA TRP D 2 24.42 -25.33 27.10
C TRP D 2 22.98 -24.85 26.94
N ASP D 3 22.27 -24.60 28.04
CA ASP D 3 20.88 -24.08 27.98
C ASP D 3 20.92 -22.64 27.43
N SER D 4 20.82 -22.57 26.10
CA SER D 4 20.99 -21.35 25.30
C SER D 4 20.14 -20.18 25.80
N SER D 5 18.90 -20.47 26.18
CA SER D 5 17.95 -19.42 26.54
C SER D 5 17.76 -19.22 28.02
N TYR D 6 18.24 -20.14 28.86
CA TYR D 6 18.25 -19.85 30.30
C TYR D 6 19.34 -18.80 30.57
N MET D 7 20.51 -19.00 29.96
CA MET D 7 21.68 -18.15 30.16
C MET D 7 21.52 -16.77 29.53
N GLN D 8 20.81 -16.71 28.38
CA GLN D 8 20.35 -15.41 27.86
C GLN D 8 19.41 -14.64 28.83
N GLN D 9 18.49 -15.34 29.54
CA GLN D 9 17.54 -14.66 30.49
C GLN D 9 18.29 -14.12 31.70
N VAL D 10 19.07 -15.00 32.34
CA VAL D 10 19.87 -14.66 33.51
C VAL D 10 20.71 -13.45 33.19
N SER D 11 21.45 -13.50 32.08
CA SER D 11 22.38 -12.41 31.74
C SER D 11 21.67 -11.12 31.44
N GLU D 12 20.47 -11.21 30.86
CA GLU D 12 19.64 -10.05 30.57
C GLU D 12 19.05 -9.52 31.84
N GLY D 13 18.55 -10.44 32.68
CA GLY D 13 18.11 -10.15 34.07
C GLY D 13 19.14 -9.43 34.92
N LEU D 14 20.41 -9.78 34.77
CA LEU D 14 21.51 -9.03 35.44
C LEU D 14 21.77 -7.66 34.83
N MET D 15 21.53 -7.52 33.51
CA MET D 15 21.62 -6.24 32.81
C MET D 15 20.49 -5.25 33.08
N THR D 16 19.33 -5.72 33.49
CA THR D 16 18.15 -4.89 33.60
C THR D 16 17.63 -4.74 35.01
N GLY D 17 18.28 -5.37 35.99
CA GLY D 17 17.91 -5.17 37.38
C GLY D 17 16.99 -6.18 38.01
N LYS D 18 16.58 -7.22 37.28
CA LYS D 18 15.61 -8.22 37.79
C LYS D 18 16.25 -9.24 38.70
N VAL D 19 17.46 -9.62 38.35
CA VAL D 19 18.29 -10.46 39.17
C VAL D 19 19.23 -9.48 39.88
N PRO D 20 19.17 -9.41 41.21
CA PRO D 20 20.18 -8.69 41.99
C PRO D 20 21.63 -9.10 41.72
N ILE D 21 22.51 -8.15 41.39
CA ILE D 21 23.87 -8.49 40.96
C ILE D 21 24.77 -9.13 42.03
N ASP D 22 24.56 -8.76 43.28
CA ASP D 22 25.54 -9.18 44.32
C ASP D 22 25.30 -10.63 44.80
N GLN D 23 24.10 -11.19 44.53
CA GLN D 23 23.88 -12.62 44.79
C GLN D 23 24.75 -13.45 43.80
N VAL D 24 24.73 -13.05 42.53
CA VAL D 24 25.54 -13.70 41.47
C VAL D 24 27.02 -13.27 41.50
N PHE D 25 27.31 -12.00 41.83
CA PHE D 25 28.71 -11.46 41.85
C PHE D 25 29.33 -11.29 43.25
N GLY D 26 28.53 -11.36 44.31
CA GLY D 26 29.02 -11.08 45.68
C GLY D 26 29.18 -9.60 45.95
N ALA D 27 29.54 -9.23 47.19
CA ALA D 27 29.96 -7.87 47.51
C ALA D 27 31.06 -7.88 48.59
N ASN D 28 32.07 -7.02 48.43
CA ASN D 28 33.12 -6.87 49.43
C ASN D 28 33.89 -5.54 49.28
N LYS E 24 -10.82 -21.69 -27.21
CA LYS E 24 -9.99 -20.68 -26.45
C LYS E 24 -10.84 -20.05 -25.34
N LYS E 25 -11.12 -20.86 -24.33
CA LYS E 25 -11.85 -20.47 -23.14
C LYS E 25 -10.79 -20.10 -22.13
N VAL E 26 -10.98 -18.94 -21.50
CA VAL E 26 -10.12 -18.37 -20.45
C VAL E 26 -10.98 -18.25 -19.19
N ILE E 27 -10.55 -18.88 -18.09
CA ILE E 27 -11.31 -18.86 -16.82
C ILE E 27 -10.93 -17.67 -15.94
N LEU E 28 -11.93 -16.89 -15.52
CA LEU E 28 -11.73 -15.90 -14.46
C LEU E 28 -12.20 -16.45 -13.12
N PHE E 29 -11.58 -15.98 -12.06
CA PHE E 29 -11.94 -16.41 -10.71
C PHE E 29 -12.55 -15.25 -9.98
N ASP E 30 -13.78 -15.42 -9.51
CA ASP E 30 -14.47 -14.38 -8.72
C ASP E 30 -14.80 -14.92 -7.32
N THR E 31 -14.20 -14.30 -6.31
CA THR E 31 -14.31 -14.74 -4.92
C THR E 31 -14.37 -13.55 -3.99
N ASN E 32 -14.63 -13.84 -2.73
CA ASN E 32 -14.49 -12.83 -1.68
C ASN E 32 -13.12 -12.89 -1.00
N HIS E 33 -12.16 -13.59 -1.60
CA HIS E 33 -10.78 -13.66 -1.09
C HIS E 33 -9.78 -13.35 -2.18
N GLN E 34 -10.14 -12.41 -3.07
CA GLN E 34 -9.43 -12.19 -4.32
C GLN E 34 -7.94 -11.98 -4.18
N VAL E 35 -7.49 -11.16 -3.23
CA VAL E 35 -6.08 -10.80 -3.14
C VAL E 35 -5.26 -12.01 -2.70
N SER E 36 -5.86 -12.79 -1.80
CA SER E 36 -5.30 -14.06 -1.35
C SER E 36 -5.11 -15.01 -2.51
N ILE E 37 -6.20 -15.20 -3.25
CA ILE E 37 -6.23 -16.15 -4.33
C ILE E 37 -5.25 -15.77 -5.41
N CYS E 38 -5.23 -14.50 -5.76
CA CYS E 38 -4.21 -13.97 -6.67
C CYS E 38 -2.77 -14.29 -6.23
N ASN E 39 -2.53 -14.11 -4.94
CA ASN E 39 -1.19 -14.35 -4.39
C ASN E 39 -0.77 -15.81 -4.35
N GLN E 40 -1.74 -16.72 -4.28
CA GLN E 40 -1.50 -18.12 -4.40
C GLN E 40 -1.28 -18.53 -5.88
N ILE E 41 -2.03 -17.91 -6.81
CA ILE E 41 -1.73 -18.04 -8.24
C ILE E 41 -0.25 -17.69 -8.47
N ILE E 42 0.24 -16.62 -7.83
CA ILE E 42 1.63 -16.16 -7.98
C ILE E 42 2.60 -17.10 -7.30
N ASP E 43 2.20 -17.64 -6.14
CA ASP E 43 2.98 -18.69 -5.51
C ASP E 43 3.20 -19.85 -6.46
N ALA E 44 2.11 -20.34 -7.07
CA ALA E 44 2.17 -21.51 -7.96
C ALA E 44 2.97 -21.21 -9.23
N ILE E 45 2.86 -20.00 -9.75
CA ILE E 45 3.74 -19.56 -10.87
C ILE E 45 5.22 -19.48 -10.45
N ASN E 46 5.49 -18.89 -9.30
CA ASN E 46 6.90 -18.78 -8.80
C ASN E 46 7.57 -20.05 -8.38
N SER E 47 6.77 -21.01 -7.91
CA SER E 47 7.19 -22.41 -7.79
C SER E 47 7.62 -23.14 -9.10
N GLY E 48 7.21 -22.67 -10.27
CA GLY E 48 7.32 -23.44 -11.53
C GLY E 48 6.16 -24.41 -11.80
N ILE E 49 5.04 -24.29 -11.10
CA ILE E 49 3.87 -25.16 -11.38
C ILE E 49 3.22 -24.80 -12.72
N ASP E 50 2.92 -25.82 -13.52
CA ASP E 50 2.39 -25.63 -14.82
C ASP E 50 0.93 -25.59 -14.55
N LEU E 51 0.35 -24.41 -14.77
CA LEU E 51 -1.10 -24.24 -14.65
C LEU E 51 -1.87 -24.77 -15.84
N GLY E 52 -1.18 -25.09 -16.93
CA GLY E 52 -1.87 -25.59 -18.13
C GLY E 52 -2.86 -24.62 -18.78
N ASP E 53 -4.04 -25.14 -19.12
CA ASP E 53 -5.13 -24.34 -19.68
C ASP E 53 -5.78 -23.38 -18.69
N LEU E 54 -5.43 -23.42 -17.42
CA LEU E 54 -5.84 -22.36 -16.45
C LEU E 54 -4.82 -21.21 -16.34
N LEU E 55 -3.71 -21.31 -17.07
CA LEU E 55 -2.66 -20.26 -16.94
C LEU E 55 -3.12 -18.88 -17.43
N GLU E 56 -3.71 -18.80 -18.62
CA GLU E 56 -4.17 -17.50 -19.19
C GLU E 56 -5.27 -16.81 -18.33
N GLY E 57 -6.20 -17.59 -17.80
CA GLY E 57 -7.18 -17.05 -16.86
C GLY E 57 -6.58 -16.64 -15.51
N GLY E 58 -5.61 -17.41 -15.05
CA GLY E 58 -4.85 -17.13 -13.86
C GLY E 58 -4.22 -15.76 -13.95
N LEU E 59 -3.48 -15.56 -15.05
CA LEU E 59 -2.83 -14.29 -15.31
C LEU E 59 -3.82 -13.13 -15.51
N LEU E 60 -4.90 -13.37 -16.22
CA LEU E 60 -5.93 -12.37 -16.45
C LEU E 60 -6.59 -11.97 -15.11
N THR E 61 -6.92 -12.95 -14.28
CA THR E 61 -7.31 -12.75 -12.87
C THR E 61 -6.39 -11.75 -12.16
N LEU E 62 -5.05 -11.90 -12.28
CA LEU E 62 -4.10 -11.00 -11.66
C LEU E 62 -4.20 -9.59 -12.19
N CYS E 63 -4.31 -9.48 -13.51
CA CYS E 63 -4.40 -8.20 -14.15
C CYS E 63 -5.68 -7.44 -13.82
N VAL E 64 -6.81 -8.14 -13.72
CA VAL E 64 -8.13 -7.54 -13.46
C VAL E 64 -8.23 -7.02 -12.00
N GLU E 65 -7.42 -7.60 -11.11
CA GLU E 65 -7.32 -7.16 -9.73
C GLU E 65 -6.53 -5.87 -9.69
N HIS E 66 -5.29 -5.93 -10.16
CA HIS E 66 -4.47 -4.73 -10.24
C HIS E 66 -5.07 -3.56 -11.02
N TYR E 67 -5.63 -3.79 -12.18
CA TYR E 67 -6.02 -2.67 -13.07
C TYR E 67 -7.48 -2.22 -12.96
N TYR E 68 -8.34 -3.11 -12.46
CA TYR E 68 -9.76 -2.84 -12.38
C TYR E 68 -10.36 -3.17 -11.01
N ASN E 69 -9.54 -3.30 -9.98
CA ASN E 69 -10.03 -3.66 -8.64
C ASN E 69 -11.02 -4.86 -8.60
N SER E 70 -10.77 -5.84 -9.47
CA SER E 70 -11.63 -7.02 -9.62
C SER E 70 -13.07 -6.69 -10.08
N ASP E 71 -13.28 -5.55 -10.72
CA ASP E 71 -14.59 -5.21 -11.27
C ASP E 71 -14.69 -5.84 -12.67
N LYS E 72 -15.29 -7.03 -12.73
CA LYS E 72 -15.31 -7.86 -13.95
C LYS E 72 -16.12 -7.23 -15.11
N ASP E 73 -17.10 -6.40 -14.78
CA ASP E 73 -17.90 -5.75 -15.82
C ASP E 73 -17.15 -4.58 -16.42
N LYS E 74 -16.43 -3.84 -15.58
CA LYS E 74 -15.54 -2.77 -16.06
C LYS E 74 -14.38 -3.32 -16.94
N PHE E 75 -13.92 -4.55 -16.67
CA PHE E 75 -13.01 -5.25 -17.59
C PHE E 75 -13.69 -5.68 -18.88
N ASN E 76 -14.92 -6.21 -18.82
CA ASN E 76 -15.59 -6.73 -20.05
C ASN E 76 -15.85 -5.72 -21.20
N THR E 77 -15.95 -4.44 -20.85
CA THR E 77 -16.18 -3.33 -21.80
C THR E 77 -14.89 -2.63 -22.18
N SER E 78 -13.82 -2.98 -21.48
CA SER E 78 -12.53 -2.35 -21.72
C SER E 78 -12.09 -2.62 -23.15
N PRO E 79 -11.19 -1.77 -23.68
CA PRO E 79 -10.73 -2.04 -25.04
C PRO E 79 -9.78 -3.28 -25.16
N ILE E 80 -9.24 -3.71 -24.01
CA ILE E 80 -8.53 -4.98 -23.88
C ILE E 80 -9.49 -6.16 -24.12
N ALA E 81 -10.61 -6.21 -23.38
CA ALA E 81 -11.53 -7.35 -23.51
C ALA E 81 -12.08 -7.43 -24.91
N LYS E 82 -12.47 -6.25 -25.42
CA LYS E 82 -12.92 -6.08 -26.80
C LYS E 82 -11.84 -6.51 -27.81
N TYR E 83 -10.58 -6.12 -27.56
CA TYR E 83 -9.50 -6.66 -28.38
C TYR E 83 -9.43 -8.20 -28.35
N LEU E 84 -9.48 -8.82 -27.18
CA LEU E 84 -9.26 -10.27 -27.08
C LEU E 84 -10.43 -11.10 -27.57
N ARG E 85 -11.67 -10.66 -27.30
CA ARG E 85 -12.84 -11.34 -27.88
C ARG E 85 -12.85 -11.29 -29.41
N ASP E 86 -12.39 -10.19 -29.99
CA ASP E 86 -12.25 -10.08 -31.45
C ASP E 86 -11.21 -11.09 -31.97
N ALA E 87 -10.10 -11.22 -31.24
CA ALA E 87 -9.06 -12.20 -31.50
C ALA E 87 -9.48 -13.65 -31.24
N GLY E 88 -10.61 -13.88 -30.59
CA GLY E 88 -11.17 -15.20 -30.44
C GLY E 88 -11.17 -15.71 -29.02
N TYR E 89 -10.78 -14.89 -28.03
CA TYR E 89 -10.90 -15.37 -26.63
C TYR E 89 -12.36 -15.22 -26.18
N GLU E 90 -12.85 -16.12 -25.31
CA GLU E 90 -14.07 -15.85 -24.55
C GLU E 90 -13.84 -16.17 -23.08
N PHE E 91 -14.52 -15.39 -22.25
CA PHE E 91 -14.27 -15.31 -20.81
C PHE E 91 -15.44 -15.85 -20.01
N ASP E 92 -15.31 -17.10 -19.52
CA ASP E 92 -16.19 -17.65 -18.51
C ASP E 92 -15.56 -17.43 -17.14
N VAL E 93 -16.42 -17.46 -16.11
CA VAL E 93 -16.04 -17.18 -14.72
C VAL E 93 -16.39 -18.36 -13.82
N ILE E 94 -15.43 -18.77 -13.01
CA ILE E 94 -15.68 -19.57 -11.83
C ILE E 94 -15.84 -18.58 -10.66
N LYS E 95 -17.09 -18.42 -10.22
CA LYS E 95 -17.45 -17.60 -9.06
C LYS E 95 -17.83 -18.55 -7.96
N ASN E 96 -17.11 -18.45 -6.84
CA ASN E 96 -17.14 -19.38 -5.71
C ASN E 96 -17.12 -18.54 -4.42
N ALA E 97 -18.30 -18.21 -3.89
CA ALA E 97 -18.39 -17.21 -2.81
C ALA E 97 -17.51 -17.55 -1.61
N ASP E 98 -17.36 -18.86 -1.30
CA ASP E 98 -16.57 -19.31 -0.14
C ASP E 98 -15.10 -19.66 -0.37
N ALA E 99 -14.65 -19.78 -1.63
CA ALA E 99 -13.25 -20.15 -1.91
C ALA E 99 -12.18 -19.27 -1.22
N THR E 100 -11.38 -19.94 -0.39
CA THR E 100 -10.29 -19.40 0.38
C THR E 100 -8.93 -19.67 -0.27
N ARG E 101 -8.86 -20.79 -0.96
CA ARG E 101 -7.62 -21.31 -1.49
C ARG E 101 -7.78 -21.43 -2.98
N PHE E 102 -6.64 -21.33 -3.66
CA PHE E 102 -6.63 -21.37 -5.13
C PHE E 102 -7.10 -22.77 -5.57
N LEU E 103 -6.63 -23.80 -4.86
CA LEU E 103 -7.12 -25.18 -4.98
C LEU E 103 -8.69 -25.31 -5.04
N ASP E 104 -9.39 -24.56 -4.21
CA ASP E 104 -10.87 -24.59 -4.12
C ASP E 104 -11.60 -24.18 -5.39
N VAL E 105 -10.99 -23.28 -6.16
CA VAL E 105 -11.60 -22.79 -7.40
C VAL E 105 -11.30 -23.66 -8.63
N ILE E 106 -10.39 -24.63 -8.49
CA ILE E 106 -9.99 -25.51 -9.58
C ILE E 106 -11.10 -26.54 -9.73
N PRO E 107 -11.73 -26.66 -10.91
CA PRO E 107 -12.79 -27.66 -10.94
C PRO E 107 -12.24 -29.04 -10.66
N ASN E 108 -12.94 -29.79 -9.80
CA ASN E 108 -12.65 -31.20 -9.62
C ASN E 108 -12.99 -31.95 -10.89
N GLU E 109 -11.98 -32.15 -11.75
CA GLU E 109 -12.05 -32.95 -12.98
C GLU E 109 -10.69 -33.59 -13.16
N PRO E 110 -10.64 -34.88 -13.58
CA PRO E 110 -9.35 -35.60 -13.55
C PRO E 110 -8.22 -34.90 -14.29
N HIS E 111 -8.53 -34.17 -15.37
CA HIS E 111 -7.48 -33.44 -16.09
C HIS E 111 -6.83 -32.28 -15.30
N TYR E 112 -7.43 -31.82 -14.19
CA TYR E 112 -6.73 -30.93 -13.26
C TYR E 112 -6.08 -31.66 -12.09
N SER E 113 -6.06 -32.99 -12.04
CA SER E 113 -5.55 -33.65 -10.85
C SER E 113 -4.04 -33.46 -10.53
N PRO E 114 -3.18 -33.44 -11.56
CA PRO E 114 -1.77 -33.13 -11.31
C PRO E 114 -1.57 -31.71 -10.83
N LEU E 115 -2.34 -30.76 -11.40
CA LEU E 115 -2.33 -29.40 -10.95
C LEU E 115 -2.78 -29.35 -9.53
N ILE E 116 -3.86 -30.06 -9.24
CA ILE E 116 -4.40 -30.08 -7.86
C ILE E 116 -3.38 -30.61 -6.85
N LEU E 117 -2.71 -31.70 -7.19
CA LEU E 117 -1.66 -32.27 -6.33
C LEU E 117 -0.52 -31.25 -6.11
N ALA E 118 0.01 -30.70 -7.19
CA ALA E 118 1.08 -29.67 -7.10
C ALA E 118 0.67 -28.59 -6.13
N LEU E 119 -0.56 -28.11 -6.26
CA LEU E 119 -1.08 -27.05 -5.38
C LEU E 119 -1.34 -27.52 -3.96
N LYS E 120 -1.66 -28.80 -3.76
CA LYS E 120 -1.75 -29.42 -2.43
C LYS E 120 -0.48 -29.28 -1.63
N THR E 121 0.65 -29.32 -2.32
CA THR E 121 1.99 -29.31 -1.71
C THR E 121 2.81 -28.01 -1.80
N LEU E 122 2.31 -26.97 -2.43
CA LEU E 122 3.04 -25.72 -2.46
C LEU E 122 3.11 -24.96 -1.10
N GLU E 123 4.25 -24.29 -0.95
CA GLU E 123 4.51 -23.29 0.09
C GLU E 123 3.58 -22.11 -0.12
N SER E 124 2.90 -21.69 0.92
CA SER E 124 2.24 -20.37 0.86
C SER E 124 2.49 -19.64 2.14
N THR E 125 2.81 -18.36 2.00
CA THR E 125 3.17 -17.51 3.11
C THR E 125 2.30 -16.30 2.98
N GLU E 126 2.26 -15.47 4.02
CA GLU E 126 1.46 -14.23 4.03
C GLU E 126 1.38 -13.49 2.70
N SER E 127 0.18 -13.00 2.40
CA SER E 127 -0.13 -12.33 1.15
C SER E 127 -0.26 -10.85 1.40
N GLN E 128 -0.10 -10.06 0.34
CA GLN E 128 -0.41 -8.65 0.36
C GLN E 128 -0.80 -8.18 -1.06
N ARG E 129 -1.82 -7.34 -1.20
CA ARG E 129 -2.24 -6.84 -2.52
C ARG E 129 -1.14 -6.19 -3.41
N GLY E 130 -0.16 -5.53 -2.78
CA GLY E 130 0.98 -4.91 -3.45
C GLY E 130 1.93 -5.82 -4.21
N ARG E 131 1.95 -7.10 -3.85
CA ARG E 131 2.80 -8.10 -4.52
C ARG E 131 2.36 -8.40 -5.95
N ILE E 132 1.08 -8.18 -6.23
CA ILE E 132 0.57 -8.44 -7.55
C ILE E 132 1.23 -7.49 -8.56
N GLY E 133 1.23 -6.19 -8.26
CA GLY E 133 1.92 -5.21 -9.09
C GLY E 133 3.44 -5.41 -9.08
N LEU E 134 3.97 -5.88 -7.97
CA LEU E 134 5.37 -6.28 -7.96
C LEU E 134 5.58 -7.34 -9.05
N PHE E 135 4.70 -8.32 -9.06
CA PHE E 135 4.80 -9.47 -9.96
C PHE E 135 4.69 -8.99 -11.38
N LEU E 136 3.67 -8.16 -11.61
CA LEU E 136 3.36 -7.72 -12.94
C LEU E 136 4.49 -6.90 -13.49
N SER E 137 5.03 -6.00 -12.67
CA SER E 137 6.15 -5.16 -13.12
C SER E 137 7.36 -6.05 -13.48
N PHE E 138 7.55 -7.13 -12.74
CA PHE E 138 8.74 -7.98 -12.90
C PHE E 138 8.70 -8.65 -14.28
N CYS E 139 7.52 -9.12 -14.66
CA CYS E 139 7.24 -9.69 -15.98
C CYS E 139 7.54 -8.76 -17.12
N SER E 140 7.12 -7.50 -16.98
CA SER E 140 7.42 -6.46 -17.97
C SER E 140 8.92 -6.26 -18.32
N LEU E 141 9.85 -6.51 -17.39
CA LEU E 141 11.31 -6.31 -17.57
C LEU E 141 11.92 -7.29 -18.60
N PHE E 142 11.23 -8.41 -18.76
CA PHE E 142 11.57 -9.46 -19.74
C PHE E 142 11.13 -9.15 -21.16
N LEU E 143 10.21 -8.19 -21.32
CA LEU E 143 9.66 -7.92 -22.63
C LEU E 143 10.67 -7.39 -23.60
N PRO E 144 11.54 -6.44 -23.19
CA PRO E 144 12.46 -5.93 -24.25
C PRO E 144 13.26 -6.92 -25.08
N LYS E 145 13.69 -8.04 -24.49
CA LYS E 145 14.39 -9.09 -25.25
C LYS E 145 13.68 -10.44 -25.23
N LEU E 146 12.35 -10.44 -25.05
CA LEU E 146 11.62 -11.69 -25.11
C LEU E 146 11.95 -12.55 -26.38
N VAL E 147 12.00 -11.90 -27.54
CA VAL E 147 12.05 -12.57 -28.84
C VAL E 147 13.40 -13.04 -29.24
N VAL E 148 14.44 -12.54 -28.55
CA VAL E 148 15.79 -12.98 -28.78
C VAL E 148 15.99 -14.41 -28.18
N GLY E 149 15.44 -14.69 -27.01
CA GLY E 149 15.64 -16.03 -26.36
C GLY E 149 15.92 -15.79 -24.91
N ASP E 150 15.90 -16.88 -24.14
CA ASP E 150 15.93 -16.83 -22.70
C ASP E 150 17.06 -16.01 -22.05
N ARG E 151 18.30 -16.24 -22.49
CA ARG E 151 19.52 -15.57 -21.95
C ARG E 151 19.53 -14.05 -22.17
N ALA E 152 19.37 -13.66 -23.42
CA ALA E 152 19.18 -12.25 -23.76
C ALA E 152 18.01 -11.55 -23.00
N SER E 153 16.85 -12.22 -22.86
CA SER E 153 15.71 -11.62 -22.12
C SER E 153 16.08 -11.45 -20.64
N ILE E 154 16.71 -12.47 -20.08
CA ILE E 154 17.03 -12.50 -18.63
C ILE E 154 18.14 -11.48 -18.29
N GLU E 155 19.17 -11.43 -19.14
CA GLU E 155 20.28 -10.51 -18.97
C GLU E 155 19.74 -9.08 -18.96
N LYS E 156 18.92 -8.75 -19.96
CA LYS E 156 18.26 -7.45 -20.03
C LYS E 156 17.40 -7.12 -18.79
N ALA E 157 16.65 -8.11 -18.28
CA ALA E 157 15.86 -7.95 -17.08
C ALA E 157 16.78 -7.72 -15.84
N LEU E 158 17.95 -8.34 -15.82
CA LEU E 158 18.90 -8.13 -14.69
C LEU E 158 19.47 -6.74 -14.68
N ARG E 159 19.97 -6.31 -15.86
CA ARG E 159 20.36 -4.92 -16.12
C ARG E 159 19.29 -3.89 -15.71
N GLN E 160 18.02 -4.15 -16.02
CA GLN E 160 16.91 -3.22 -15.64
C GLN E 160 16.50 -3.33 -14.16
N VAL E 161 16.76 -4.47 -13.54
CA VAL E 161 16.58 -4.61 -12.08
C VAL E 161 17.56 -3.67 -11.41
N THR E 162 18.84 -3.82 -11.74
CA THR E 162 19.92 -2.94 -11.28
C THR E 162 19.47 -1.50 -11.28
N VAL E 163 18.95 -1.07 -12.43
CA VAL E 163 18.60 0.31 -12.60
C VAL E 163 17.50 0.76 -11.64
N HIS E 164 16.42 -0.04 -11.48
CA HIS E 164 15.27 0.41 -10.65
C HIS E 164 15.50 0.41 -9.13
N GLN E 165 16.11 -0.66 -8.62
CA GLN E 165 16.38 -0.80 -7.20
C GLN E 165 17.36 0.27 -6.67
N GLU E 166 18.38 0.63 -7.46
CA GLU E 166 19.34 1.70 -7.09
C GLU E 166 18.87 3.10 -7.46
N GLN E 167 17.65 3.21 -7.96
CA GLN E 167 16.93 4.47 -8.00
C GLN E 167 15.78 4.58 -6.97
N GLY E 168 15.45 3.48 -6.29
CA GLY E 168 14.49 3.52 -5.17
C GLY E 168 13.00 3.46 -5.55
N ILE E 169 12.67 3.29 -6.84
CA ILE E 169 11.24 3.08 -7.17
C ILE E 169 10.76 1.69 -6.68
N VAL E 170 11.65 0.73 -6.49
CA VAL E 170 11.21 -0.64 -6.29
C VAL E 170 12.34 -1.54 -5.82
N THR E 171 11.97 -2.61 -5.10
CA THR E 171 12.86 -3.64 -4.63
C THR E 171 12.24 -5.04 -4.93
N TYR E 172 12.95 -5.92 -5.67
CA TYR E 172 12.50 -7.29 -6.02
C TYR E 172 13.16 -8.27 -5.06
N PRO E 173 12.44 -9.35 -4.66
CA PRO E 173 13.03 -10.35 -3.78
C PRO E 173 14.20 -11.05 -4.46
N ASN E 174 15.26 -11.27 -3.70
CA ASN E 174 16.53 -11.81 -4.25
C ASN E 174 16.33 -13.21 -4.80
N HIS E 175 15.35 -13.95 -4.28
CA HIS E 175 15.00 -15.27 -4.83
C HIS E 175 14.33 -15.20 -6.23
N TRP E 176 13.65 -14.08 -6.52
CA TRP E 176 13.19 -13.81 -7.88
C TRP E 176 14.28 -13.54 -8.91
N LEU E 177 15.55 -13.38 -8.52
CA LEU E 177 16.66 -12.96 -9.45
C LEU E 177 17.67 -14.06 -9.77
N THR E 178 17.37 -15.25 -9.30
CA THR E 178 18.00 -16.49 -9.69
C THR E 178 17.75 -16.81 -11.16
N THR E 179 18.66 -17.58 -11.75
CA THR E 179 18.55 -18.02 -13.13
C THR E 179 17.35 -19.01 -13.33
N GLY E 180 17.04 -19.84 -12.33
CA GLY E 180 15.97 -20.83 -12.44
C GLY E 180 14.61 -20.20 -12.23
N HIS E 181 14.54 -19.08 -11.49
CA HIS E 181 13.30 -18.35 -11.35
C HIS E 181 13.03 -17.54 -12.58
N MET E 182 14.05 -16.85 -13.06
CA MET E 182 13.90 -16.01 -14.22
C MET E 182 13.63 -16.81 -15.50
N LYS E 183 14.12 -18.03 -15.62
CA LYS E 183 13.68 -18.93 -16.74
C LYS E 183 12.19 -19.24 -16.69
N VAL E 184 11.66 -19.40 -15.47
CA VAL E 184 10.24 -19.70 -15.26
C VAL E 184 9.45 -18.54 -15.79
N ILE E 185 9.83 -17.32 -15.42
CA ILE E 185 9.03 -16.13 -15.78
C ILE E 185 9.12 -15.88 -17.26
N PHE E 186 10.32 -15.91 -17.84
CA PHE E 186 10.52 -15.89 -19.30
C PHE E 186 9.50 -16.76 -20.03
N GLY E 187 9.37 -18.02 -19.60
CA GLY E 187 8.55 -18.98 -20.31
C GLY E 187 7.06 -18.80 -20.00
N ILE E 188 6.75 -18.17 -18.85
CA ILE E 188 5.39 -17.65 -18.66
C ILE E 188 5.00 -16.58 -19.68
N LEU E 189 5.92 -15.65 -19.94
CA LEU E 189 5.65 -14.60 -20.91
C LEU E 189 5.55 -15.21 -22.31
N ARG E 190 6.43 -16.15 -22.63
CA ARG E 190 6.36 -16.86 -23.90
C ARG E 190 5.03 -17.63 -24.09
N SER E 191 4.53 -18.25 -23.03
CA SER E 191 3.33 -19.04 -23.10
C SER E 191 2.06 -18.18 -23.17
N SER E 192 2.04 -17.03 -22.54
CA SER E 192 0.78 -16.27 -22.38
C SER E 192 0.65 -15.05 -23.29
N PHE E 193 -0.19 -15.11 -24.33
CA PHE E 193 -0.48 -13.95 -25.13
C PHE E 193 -1.21 -12.83 -24.28
N ILE E 194 -2.10 -13.24 -23.37
CA ILE E 194 -2.86 -12.34 -22.55
C ILE E 194 -2.00 -11.56 -21.61
N LEU E 195 -1.06 -12.20 -20.90
CA LEU E 195 -0.17 -11.39 -20.04
C LEU E 195 0.52 -10.39 -20.87
N LYS E 196 1.19 -10.84 -21.92
CA LYS E 196 1.99 -9.94 -22.80
C LYS E 196 1.23 -8.69 -23.34
N PHE E 197 0.03 -8.95 -23.85
CA PHE E 197 -0.84 -7.94 -24.47
C PHE E 197 -1.43 -6.90 -23.50
N VAL E 198 -1.67 -7.29 -22.25
CA VAL E 198 -2.09 -6.35 -21.18
C VAL E 198 -0.90 -5.39 -20.83
N LEU E 199 0.23 -6.00 -20.53
CA LEU E 199 1.43 -5.23 -20.20
C LEU E 199 1.63 -4.19 -21.26
N ILE E 200 1.61 -4.64 -22.52
CA ILE E 200 1.93 -3.76 -23.62
C ILE E 200 0.94 -2.58 -23.74
N HIS E 201 -0.31 -2.97 -23.92
CA HIS E 201 -1.42 -2.07 -23.99
C HIS E 201 -1.45 -1.01 -22.89
N GLN E 202 -1.23 -1.44 -21.65
CA GLN E 202 -1.25 -0.53 -20.50
C GLN E 202 0.00 0.29 -20.37
N GLY E 203 1.13 -0.27 -20.74
CA GLY E 203 2.34 0.51 -20.89
C GLY E 203 2.15 1.69 -21.82
N VAL E 204 1.52 1.47 -22.98
CA VAL E 204 1.31 2.53 -23.96
C VAL E 204 0.14 3.46 -23.55
N ASN E 205 -0.99 2.90 -23.10
CA ASN E 205 -2.20 3.69 -22.90
C ASN E 205 -2.46 4.23 -21.48
N LEU E 206 -2.29 3.42 -20.44
CA LEU E 206 -2.59 3.86 -19.06
C LEU E 206 -1.45 4.70 -18.47
N VAL E 207 -1.34 5.93 -18.99
CA VAL E 207 -0.27 6.89 -18.66
C VAL E 207 -0.69 7.92 -17.59
N THR E 208 -2.00 8.04 -17.32
CA THR E 208 -2.53 8.79 -16.17
C THR E 208 -2.75 7.90 -14.92
N GLY E 209 -2.12 8.27 -13.80
CA GLY E 209 -2.24 7.56 -12.54
C GLY E 209 -0.91 7.48 -11.82
N ASP E 211 0.64 4.20 -10.36
CA ASP E 211 1.66 3.98 -9.33
C ASP E 211 3.05 3.59 -9.94
N ALA E 212 3.97 3.08 -9.11
CA ALA E 212 5.41 2.88 -9.50
C ALA E 212 5.72 1.56 -10.21
N TYR E 213 4.75 0.65 -10.20
CA TYR E 213 4.83 -0.58 -10.96
C TYR E 213 4.34 -0.32 -12.38
N ASP E 214 3.38 0.59 -12.51
CA ASP E 214 2.94 1.12 -13.81
C ASP E 214 4.04 1.87 -14.57
N SER E 215 4.90 2.56 -13.80
CA SER E 215 5.99 3.37 -14.36
C SER E 215 7.11 2.48 -14.80
N ILE E 216 7.21 1.31 -14.17
CA ILE E 216 8.13 0.29 -14.61
C ILE E 216 7.64 -0.29 -15.94
N ILE E 217 6.33 -0.61 -15.97
CA ILE E 217 5.69 -1.31 -17.09
C ILE E 217 5.73 -0.40 -18.29
N SER E 218 5.24 0.83 -18.14
CA SER E 218 5.39 1.89 -19.16
C SER E 218 6.79 2.00 -19.77
N ASN E 219 7.76 2.12 -18.86
CA ASN E 219 9.17 2.17 -19.23
C ASN E 219 9.59 0.88 -19.96
N SER E 220 9.12 -0.30 -19.49
CA SER E 220 9.60 -1.56 -20.09
C SER E 220 9.04 -1.76 -21.51
N VAL E 221 7.77 -1.40 -21.66
CA VAL E 221 7.06 -1.49 -22.90
C VAL E 221 7.65 -0.52 -23.91
N GLY E 222 8.14 0.63 -23.44
CA GLY E 222 8.78 1.64 -24.29
C GLY E 222 10.07 1.16 -24.93
N GLN E 223 10.88 0.46 -24.17
CA GLN E 223 12.10 -0.20 -24.65
C GLN E 223 11.87 -1.49 -25.46
N THR E 224 10.64 -1.97 -25.44
CA THR E 224 10.22 -3.10 -26.22
C THR E 224 9.87 -2.66 -27.66
N ARG E 225 9.78 -1.36 -27.91
CA ARG E 225 9.31 -0.89 -29.22
C ARG E 225 10.23 -1.41 -30.33
N PHE E 226 9.61 -2.13 -31.28
CA PHE E 226 10.30 -2.68 -32.48
C PHE E 226 11.33 -3.82 -32.31
N SER E 227 11.37 -4.52 -31.17
CA SER E 227 12.32 -5.63 -31.01
C SER E 227 11.93 -6.77 -31.94
N GLY E 228 12.93 -7.35 -32.56
CA GLY E 228 12.69 -8.28 -33.66
C GLY E 228 12.32 -7.67 -34.99
N LEU E 229 12.20 -6.34 -35.07
CA LEU E 229 11.89 -5.65 -36.32
C LEU E 229 12.97 -4.64 -36.69
N LEU E 230 14.01 -4.54 -35.88
CA LEU E 230 14.93 -3.39 -35.99
C LEU E 230 15.68 -3.43 -37.31
N ILE E 231 16.15 -4.61 -37.72
CA ILE E 231 16.90 -4.75 -38.97
C ILE E 231 16.02 -4.35 -40.15
N VAL E 232 14.90 -5.07 -40.31
CA VAL E 232 13.93 -4.73 -41.36
C VAL E 232 13.52 -3.21 -41.32
N LYS E 233 13.48 -2.61 -40.13
CA LYS E 233 13.23 -1.18 -40.03
C LYS E 233 14.38 -0.35 -40.66
N THR E 234 15.60 -0.74 -40.35
CA THR E 234 16.75 0.00 -40.83
C THR E 234 17.05 -0.23 -42.31
N VAL E 235 16.70 -1.40 -42.84
CA VAL E 235 16.81 -1.59 -44.28
C VAL E 235 15.83 -0.66 -44.93
N LEU E 236 14.61 -0.54 -44.38
CA LEU E 236 13.59 0.33 -44.98
C LEU E 236 14.08 1.78 -44.95
N GLU E 237 14.57 2.19 -43.80
CA GLU E 237 15.21 3.52 -43.63
C GLU E 237 16.24 3.85 -44.71
N PHE E 238 17.15 2.92 -45.01
CA PHE E 238 18.28 3.22 -45.94
C PHE E 238 17.96 3.17 -47.44
N ILE E 239 16.77 2.67 -47.79
CA ILE E 239 16.27 2.66 -49.16
C ILE E 239 15.30 3.81 -49.49
N LEU E 240 14.95 4.57 -48.47
CA LEU E 240 14.30 5.88 -48.64
C LEU E 240 15.26 7.04 -48.89
N GLN E 241 14.82 7.94 -49.74
CA GLN E 241 15.44 9.25 -49.89
C GLN E 241 14.42 10.36 -49.63
N LYS E 242 14.84 11.30 -48.78
CA LYS E 242 14.20 12.57 -48.65
C LYS E 242 14.38 13.28 -50.01
N THR E 243 13.25 13.64 -50.67
CA THR E 243 13.23 14.56 -51.85
C THR E 243 12.57 15.93 -51.54
N ASP E 244 12.52 16.83 -52.54
CA ASP E 244 11.80 18.11 -52.38
C ASP E 244 10.29 17.90 -52.11
N SER E 245 9.64 17.01 -52.86
CA SER E 245 8.25 16.66 -52.60
C SER E 245 8.01 15.76 -51.36
N GLY E 246 9.05 15.06 -50.90
CA GLY E 246 8.94 14.10 -49.80
C GLY E 246 9.68 12.78 -50.03
N VAL E 247 9.29 11.77 -49.25
CA VAL E 247 10.03 10.54 -49.17
C VAL E 247 9.79 9.64 -50.41
N THR E 248 10.87 9.23 -51.04
CA THR E 248 10.87 8.48 -52.25
C THR E 248 11.77 7.28 -52.05
N LEU E 249 11.40 6.20 -52.69
CA LEU E 249 12.29 5.02 -52.76
C LEU E 249 13.53 5.35 -53.60
N HIS E 250 14.65 4.72 -53.24
CA HIS E 250 15.90 4.91 -53.92
C HIS E 250 15.75 4.48 -55.42
N PRO E 251 16.49 5.14 -56.36
CA PRO E 251 16.33 4.79 -57.80
C PRO E 251 16.74 3.36 -58.21
N LEU E 252 17.75 2.83 -57.56
CA LEU E 252 17.97 1.39 -57.61
C LEU E 252 16.84 0.45 -57.11
N VAL E 253 15.93 0.93 -56.28
CA VAL E 253 14.73 0.18 -55.93
C VAL E 253 13.73 0.21 -57.09
N ARG E 254 13.75 1.30 -57.87
CA ARG E 254 12.78 1.49 -58.94
C ARG E 254 13.12 0.81 -60.31
N THR E 255 14.01 -0.20 -60.35
CA THR E 255 14.32 -0.91 -61.60
C THR E 255 13.52 -2.20 -61.72
N SER E 256 13.46 -2.72 -62.95
CA SER E 256 12.75 -3.99 -63.24
C SER E 256 13.35 -5.16 -62.46
N LYS E 257 14.63 -5.11 -62.20
CA LYS E 257 15.31 -6.16 -61.47
C LYS E 257 14.71 -6.38 -60.07
N VAL E 258 14.31 -5.29 -59.38
CA VAL E 258 13.85 -5.28 -57.97
C VAL E 258 12.32 -5.27 -57.81
N LYS E 259 11.61 -5.19 -58.93
CA LYS E 259 10.15 -5.14 -58.97
C LYS E 259 9.44 -6.12 -58.03
N ASN E 260 9.96 -7.34 -57.91
CA ASN E 260 9.32 -8.39 -57.14
C ASN E 260 9.68 -8.28 -55.64
N GLU E 261 10.91 -7.91 -55.30
CA GLU E 261 11.22 -7.68 -53.89
C GLU E 261 10.48 -6.47 -53.31
N VAL E 262 10.22 -5.48 -54.15
CA VAL E 262 9.57 -4.29 -53.74
C VAL E 262 8.08 -4.57 -53.46
N ALA E 263 7.39 -5.13 -54.44
CA ALA E 263 6.02 -5.65 -54.26
C ALA E 263 5.83 -6.52 -53.01
N SER E 264 6.70 -7.51 -52.76
CA SER E 264 6.64 -8.32 -51.52
C SER E 264 6.91 -7.58 -50.22
N PHE E 265 7.95 -6.73 -50.22
CA PHE E 265 8.26 -5.90 -49.09
C PHE E 265 7.08 -4.99 -48.71
N LYS E 266 6.47 -4.37 -49.69
CA LYS E 266 5.29 -3.57 -49.47
C LYS E 266 4.12 -4.36 -48.83
N GLN E 267 3.95 -5.58 -49.33
CA GLN E 267 2.86 -6.45 -48.85
C GLN E 267 3.10 -6.81 -47.43
N ALA E 268 4.35 -7.17 -47.14
CA ALA E 268 4.79 -7.42 -45.78
C ALA E 268 4.57 -6.21 -44.90
N LEU E 269 5.03 -5.06 -45.35
CA LEU E 269 4.93 -3.80 -44.61
C LEU E 269 3.51 -3.44 -44.29
N SER E 270 2.63 -3.64 -45.26
CA SER E 270 1.18 -3.47 -45.10
C SER E 270 0.55 -4.37 -44.06
N ASN E 271 1.07 -5.59 -43.95
CA ASN E 271 0.65 -6.52 -42.91
C ASN E 271 1.01 -6.04 -41.53
N LEU E 272 2.21 -5.48 -41.40
CA LEU E 272 2.63 -4.90 -40.15
C LEU E 272 1.71 -3.76 -39.82
N ALA E 273 1.61 -2.79 -40.72
CA ALA E 273 0.91 -1.54 -40.43
C ALA E 273 -0.58 -1.71 -40.04
N ARG E 274 -1.22 -2.75 -40.52
CA ARG E 274 -2.61 -2.98 -40.08
C ARG E 274 -2.78 -3.26 -38.60
N HIS E 275 -1.73 -3.69 -37.88
CA HIS E 275 -1.87 -3.82 -36.43
C HIS E 275 -1.70 -2.44 -35.74
N GLY E 276 -1.28 -1.44 -36.47
CA GLY E 276 -1.52 -0.09 -36.01
C GLY E 276 -0.62 0.22 -34.83
N GLU E 277 -1.24 0.65 -33.72
CA GLU E 277 -0.44 1.02 -32.57
C GLU E 277 0.26 -0.18 -31.92
N TYR E 278 -0.15 -1.41 -32.28
CA TYR E 278 0.48 -2.60 -31.78
C TYR E 278 1.59 -3.13 -32.71
N ALA E 279 1.77 -2.50 -33.87
CA ALA E 279 2.79 -2.88 -34.87
C ALA E 279 4.20 -2.91 -34.29
N PRO E 280 4.58 -1.87 -33.50
CA PRO E 280 5.91 -1.89 -32.87
C PRO E 280 6.17 -3.15 -32.06
N PHE E 281 5.08 -3.78 -31.65
CA PHE E 281 5.13 -4.89 -30.73
C PHE E 281 4.79 -6.24 -31.45
N ALA E 282 4.74 -6.23 -32.78
CA ALA E 282 4.15 -7.31 -33.55
C ALA E 282 4.90 -8.62 -33.36
N ARG E 283 6.21 -8.53 -33.31
CA ARG E 283 7.03 -9.69 -33.18
C ARG E 283 6.90 -10.27 -31.78
N VAL E 284 6.96 -9.40 -30.75
CA VAL E 284 6.90 -9.91 -29.37
C VAL E 284 5.55 -10.52 -29.10
N LEU E 285 4.52 -9.88 -29.63
CA LEU E 285 3.16 -10.47 -29.49
C LEU E 285 2.83 -11.62 -30.47
N ASN E 286 3.74 -11.96 -31.38
CA ASN E 286 3.47 -12.84 -32.56
C ASN E 286 2.18 -12.61 -33.29
N LEU E 287 2.01 -11.38 -33.76
CA LEU E 287 0.86 -11.02 -34.51
C LEU E 287 1.05 -11.52 -35.92
N SER E 288 -0.10 -11.64 -36.57
CA SER E 288 -0.21 -12.29 -37.87
C SER E 288 0.25 -11.43 -38.99
N GLY E 289 0.59 -12.06 -40.11
CA GLY E 289 1.03 -11.34 -41.31
C GLY E 289 2.46 -10.91 -41.40
N ILE E 290 3.29 -11.25 -40.42
CA ILE E 290 4.66 -10.74 -40.49
C ILE E 290 5.76 -11.75 -40.78
N ASN E 291 5.39 -12.99 -41.05
CA ASN E 291 6.35 -14.02 -41.39
C ASN E 291 7.31 -13.60 -42.48
N ASN E 292 6.90 -12.75 -43.43
CA ASN E 292 7.84 -12.17 -44.42
C ASN E 292 8.68 -10.92 -44.03
N LEU E 293 8.71 -10.47 -42.79
CA LEU E 293 9.61 -9.34 -42.43
C LEU E 293 10.99 -9.81 -41.96
N GLU E 294 11.79 -10.30 -42.91
CA GLU E 294 13.18 -10.70 -42.67
C GLU E 294 14.01 -10.15 -43.84
N HIS E 295 15.11 -9.43 -43.59
CA HIS E 295 15.94 -8.85 -44.67
C HIS E 295 16.39 -9.84 -45.75
N GLY E 296 16.65 -11.07 -45.30
CA GLY E 296 17.15 -12.17 -46.11
C GLY E 296 16.25 -12.55 -47.26
N LEU E 297 14.93 -12.33 -47.10
CA LEU E 297 14.00 -12.44 -48.21
C LEU E 297 14.18 -11.36 -49.31
N TYR E 298 14.94 -10.30 -49.02
CA TYR E 298 15.07 -9.14 -49.91
C TYR E 298 16.53 -8.73 -50.08
N PRO E 299 17.39 -9.64 -50.61
CA PRO E 299 18.82 -9.41 -50.71
C PRO E 299 19.24 -8.24 -51.64
N GLN E 300 18.47 -7.89 -52.64
CA GLN E 300 18.77 -6.67 -53.40
C GLN E 300 18.42 -5.35 -52.66
N LEU E 301 17.34 -5.35 -51.88
CA LEU E 301 17.04 -4.24 -50.95
C LEU E 301 18.07 -4.14 -49.87
N SER E 302 18.38 -5.28 -49.25
CA SER E 302 19.48 -5.46 -48.30
C SER E 302 20.83 -4.94 -48.80
N ALA E 303 21.09 -5.20 -50.09
CA ALA E 303 22.29 -4.74 -50.80
C ALA E 303 22.31 -3.21 -51.00
N ILE E 304 21.19 -2.67 -51.48
CA ILE E 304 21.08 -1.23 -51.70
C ILE E 304 21.16 -0.51 -50.39
N ALA E 305 20.53 -1.07 -49.36
CA ALA E 305 20.50 -0.49 -48.04
C ALA E 305 21.89 -0.47 -47.42
N LEU E 306 22.54 -1.62 -47.39
CA LEU E 306 23.87 -1.73 -46.77
C LEU E 306 24.87 -0.82 -47.47
N GLY E 307 24.88 -0.81 -48.80
CA GLY E 307 25.68 0.14 -49.58
C GLY E 307 25.43 1.63 -49.31
N VAL E 308 24.21 2.00 -48.94
CA VAL E 308 23.91 3.40 -48.64
C VAL E 308 24.44 3.58 -47.21
N ALA E 309 24.00 2.72 -46.32
CA ALA E 309 24.47 2.75 -44.94
C ALA E 309 26.00 2.91 -44.88
N THR E 310 26.74 1.97 -45.49
CA THR E 310 28.21 2.00 -45.45
C THR E 310 28.77 3.38 -45.81
N ALA E 311 28.22 4.00 -46.86
CA ALA E 311 28.60 5.36 -47.24
C ALA E 311 28.25 6.42 -46.18
N HIS E 312 27.16 6.23 -45.44
CA HIS E 312 26.79 7.15 -44.36
C HIS E 312 27.19 6.70 -42.94
N GLY E 313 28.00 5.64 -42.87
CA GLY E 313 28.77 5.30 -41.68
C GLY E 313 28.30 4.12 -40.84
N SER E 314 27.31 3.38 -41.33
CA SER E 314 26.67 2.37 -40.50
C SER E 314 26.84 0.99 -41.08
N THR E 315 26.71 0.01 -40.18
CA THR E 315 26.46 -1.37 -40.56
C THR E 315 24.96 -1.58 -40.42
N LEU E 316 24.52 -2.69 -40.99
CA LEU E 316 23.16 -3.13 -40.83
C LEU E 316 23.08 -4.25 -39.84
N ALA E 317 24.23 -4.72 -39.35
CA ALA E 317 24.28 -5.61 -38.21
C ALA E 317 23.48 -6.91 -38.47
N GLY E 318 24.13 -7.87 -39.12
CA GLY E 318 23.50 -9.14 -39.48
C GLY E 318 22.90 -9.19 -40.88
N VAL E 319 23.14 -8.16 -41.70
CA VAL E 319 22.87 -8.22 -43.13
C VAL E 319 24.13 -8.71 -43.81
N ASN E 320 23.96 -9.71 -44.67
CA ASN E 320 25.06 -10.28 -45.42
C ASN E 320 24.67 -10.35 -46.88
N VAL E 321 25.45 -9.66 -47.69
CA VAL E 321 25.25 -9.63 -49.12
C VAL E 321 26.40 -10.42 -49.73
N GLY E 322 26.02 -11.48 -50.43
CA GLY E 322 26.97 -12.40 -51.05
C GLY E 322 27.44 -11.90 -52.39
N GLU E 323 28.16 -12.77 -53.09
CA GLU E 323 28.90 -12.43 -54.30
C GLU E 323 28.05 -11.69 -55.35
N GLN E 324 26.82 -12.18 -55.62
CA GLN E 324 26.03 -11.74 -56.78
C GLN E 324 25.29 -10.39 -56.66
N TYR E 325 25.26 -9.82 -55.47
CA TYR E 325 24.61 -8.56 -55.21
C TYR E 325 25.63 -7.53 -54.74
N GLN E 326 26.92 -7.80 -54.97
CA GLN E 326 28.01 -6.90 -54.58
C GLN E 326 28.09 -5.70 -55.53
N GLN E 327 28.09 -5.92 -56.84
CA GLN E 327 28.08 -4.78 -57.78
C GLN E 327 26.88 -3.86 -57.54
N LEU E 328 25.77 -4.44 -57.06
CA LEU E 328 24.63 -3.69 -56.59
C LEU E 328 24.92 -2.98 -55.28
N ARG E 329 25.53 -3.68 -54.32
CA ARG E 329 26.04 -3.01 -53.11
C ARG E 329 26.94 -1.82 -53.49
N GLU E 330 27.88 -2.09 -54.39
CA GLU E 330 28.89 -1.16 -54.83
C GLU E 330 28.26 -0.01 -55.63
N ALA E 331 27.33 -0.31 -56.54
CA ALA E 331 26.59 0.74 -57.28
C ALA E 331 25.79 1.64 -56.33
N ALA E 332 25.21 1.02 -55.30
CA ALA E 332 24.50 1.73 -54.24
C ALA E 332 25.45 2.64 -53.45
N HIS E 333 26.56 2.07 -52.99
CA HIS E 333 27.64 2.81 -52.32
C HIS E 333 28.11 4.02 -53.12
N ASP E 334 28.63 3.79 -54.31
CA ASP E 334 29.24 4.85 -55.12
C ASP E 334 28.25 5.97 -55.53
N ALA E 335 26.96 5.66 -55.66
CA ALA E 335 25.93 6.70 -55.89
C ALA E 335 25.81 7.58 -54.65
N GLU E 336 25.81 6.95 -53.47
CA GLU E 336 25.70 7.68 -52.20
C GLU E 336 26.92 8.48 -51.82
N VAL E 337 28.10 7.95 -52.14
CA VAL E 337 29.37 8.69 -51.98
C VAL E 337 29.40 9.92 -52.90
N LYS E 338 28.94 9.75 -54.14
CA LYS E 338 28.79 10.86 -55.09
C LYS E 338 27.59 11.73 -54.73
N LEU E 339 26.60 11.16 -54.03
CA LEU E 339 25.47 11.82 -53.32
C LEU E 339 24.12 11.57 -53.99
N MET F 1 23.82 13.33 -48.74
CA MET F 1 22.35 13.60 -48.57
C MET F 1 21.78 12.82 -47.38
N TRP F 2 21.75 11.48 -47.49
CA TRP F 2 21.05 10.61 -46.51
C TRP F 2 21.58 10.84 -45.10
N ASP F 3 20.69 11.30 -44.21
CA ASP F 3 20.98 11.48 -42.80
C ASP F 3 19.83 10.85 -42.00
N SER F 4 20.13 10.45 -40.77
CA SER F 4 19.14 9.86 -39.87
C SER F 4 18.05 10.84 -39.39
N SER F 5 17.12 10.38 -38.61
CA SER F 5 16.31 11.31 -37.87
C SER F 5 15.13 12.13 -38.35
N TYR F 6 14.96 12.22 -39.64
CA TYR F 6 13.62 12.41 -40.22
C TYR F 6 13.17 11.05 -40.87
N MET F 7 14.13 10.19 -41.22
CA MET F 7 13.84 8.87 -41.79
C MET F 7 13.32 7.92 -40.73
N GLN F 8 13.84 8.03 -39.52
CA GLN F 8 13.38 7.20 -38.41
C GLN F 8 11.90 7.32 -38.12
N GLN F 9 11.36 8.53 -38.23
CA GLN F 9 9.94 8.79 -37.99
C GLN F 9 9.07 8.37 -39.18
N VAL F 10 9.65 8.33 -40.36
CA VAL F 10 8.99 7.93 -41.59
C VAL F 10 8.82 6.41 -41.63
N SER F 11 9.88 5.66 -41.34
CA SER F 11 9.72 4.21 -41.28
C SER F 11 8.77 3.82 -40.15
N GLU F 12 8.93 4.49 -39.04
CA GLU F 12 8.04 4.32 -37.92
C GLU F 12 6.60 4.54 -38.37
N GLY F 13 6.37 5.62 -39.12
CA GLY F 13 5.07 5.93 -39.69
C GLY F 13 4.53 4.90 -40.69
N LEU F 14 5.38 4.47 -41.61
CA LEU F 14 4.99 3.45 -42.61
C LEU F 14 4.64 2.15 -41.92
N MET F 15 5.46 1.76 -40.96
CA MET F 15 5.20 0.56 -40.16
C MET F 15 4.00 0.54 -39.20
N THR F 16 3.54 1.71 -38.76
CA THR F 16 2.42 1.81 -37.81
C THR F 16 1.07 2.17 -38.44
N GLY F 17 1.04 2.61 -39.71
CA GLY F 17 -0.17 3.02 -40.36
C GLY F 17 -0.42 4.53 -40.38
N LYS F 18 0.48 5.31 -39.77
CA LYS F 18 0.37 6.76 -39.77
C LYS F 18 0.70 7.43 -41.12
N VAL F 19 1.60 6.84 -41.89
CA VAL F 19 2.04 7.40 -43.16
C VAL F 19 1.57 6.37 -44.16
N PRO F 20 0.54 6.69 -45.03
CA PRO F 20 -0.02 5.66 -45.94
C PRO F 20 1.07 5.14 -46.88
N ILE F 21 1.12 3.83 -47.06
CA ILE F 21 2.20 3.18 -47.79
C ILE F 21 2.21 3.58 -49.28
N ASP F 22 1.02 3.81 -49.82
CA ASP F 22 0.85 4.20 -51.21
C ASP F 22 1.59 5.48 -51.61
N GLN F 23 1.67 6.44 -50.68
CA GLN F 23 2.43 7.68 -50.89
C GLN F 23 3.91 7.36 -51.20
N VAL F 24 4.45 6.36 -50.51
CA VAL F 24 5.86 6.02 -50.64
C VAL F 24 6.06 4.90 -51.67
N PHE F 25 5.08 4.00 -51.84
CA PHE F 25 5.39 2.75 -52.57
C PHE F 25 4.84 2.59 -54.00
N GLY F 26 3.59 3.01 -54.23
CA GLY F 26 2.96 2.86 -55.56
C GLY F 26 2.05 1.62 -55.65
N ALA F 27 0.90 1.76 -56.29
CA ALA F 27 -0.20 0.77 -56.21
C ALA F 27 -0.22 -0.14 -57.41
S SO4 G . -27.19 -3.98 -5.71
O1 SO4 G . -28.09 -3.31 -6.66
O2 SO4 G . -26.23 -3.03 -5.10
O3 SO4 G . -28.15 -4.51 -4.70
O4 SO4 G . -26.41 -5.08 -6.36
S SO4 H . 4.26 15.46 4.04
O1 SO4 H . 3.19 16.22 3.35
O2 SO4 H . 5.38 16.41 4.28
O3 SO4 H . 3.75 14.88 5.29
O4 SO4 H . 4.64 14.27 3.25
S SO4 I . 27.19 -4.83 19.71
O1 SO4 I . 27.17 -5.88 18.65
O2 SO4 I . 27.84 -3.61 19.16
O3 SO4 I . 28.12 -5.25 20.81
O4 SO4 I . 25.76 -4.62 20.13
#